data_6R41
#
_entry.id   6R41
#
_cell.length_a   110.026
_cell.length_b   151.569
_cell.length_c   176.548
_cell.angle_alpha   90.00
_cell.angle_beta   90.00
_cell.angle_gamma   90.00
#
_symmetry.space_group_name_H-M   'I 2 2 2'
#
loop_
_entity.id
_entity.type
_entity.pdbx_description
1 polymer 'Mgp-operon protein 3'
2 branched 'N-acetyl-alpha-neuraminic acid-(2-3)-beta-D-galactopyranose'
3 non-polymer 'POTASSIUM ION'
4 non-polymer beta-D-glucopyranose
5 non-polymer 'PHOSPHATE ION'
6 non-polymer GLYCEROL
7 water water
#
_entity_poly.entity_id   1
_entity_poly.type   'polypeptide(L)'
_entity_poly.pdbx_seq_one_letter_code
;ALANTFLVKEDSKNVTAYTPFATPITDSKSDLVSLAQLDSSYQIADQTIHNTNLFVLFKSRDVKVKYESSGSNNISFDST
SQGEKPSYVVEFTNSTNIGIKWTMVKKYQLDVPNVSSDMNQVLKNLILEQPLTKYTLNSSLAKEKGKTQREVHLGSGQAN
QWTSQRNQHDLNNNPSPNASTGFKLTTGNAYRKLSESWPIYEPIDGTKQGKGKDSSGWSSTEENEAKNDAPSVSGGGSSS
GTFNKYLNTKQALESIGILFDDQTPRNVITQLYYASTSKLAVTNNHIVVMGNSFLPSMWYWVVERSAQENASNKPTWFAN
TNLDWGEDKQKQFVENQLGYKETTSTNSHNFHSKSFTQPAYLISGIDSVNDQIIFSGFKAGSVGYDSSSSSSSSSSSTKD
QALAWSTTTSLDSKTGYKDLVTNDTGLNGPINGSFSIQDTFSFVVPYSGNHTNNGTTGPIKTAYPVKKDQKSTVKINSLI
NATPLNSYGDEGIGVFDALGLNYNFKSNQERLPSRTDQIFVYGIVSPNELRSAKSSADSTGSDTKVNWSNTQSRYLPVPY
NYSEGIIDADGFKRPENRGASVTTFSGLKSIAPDGFANSIANFSVGLKAGIDPNPVMSGKKANYGAVVLTRGGVVRLNFN
PGNDSLLSTTDNNIAPISFSFTPFTAAESAVDLTTFKEVTYNQESGLWSYIFDSSLKPSHDGKQTPVTDNMGFSVITVSR
TGIELNQDQATTTLDVAPSALAVQSGIQSTTQTLTGVLPLSEEFSAVIAKDSDQNKIDIYKNNNGLFEIDTQLSNSVATN
NGGLAPSYTENRVDAWGKVEFADNSVLQARNLVDKTVDEIINTPEILNSFFRFTPAFEDQKATLVATKQSDTSLSVSPRI
QFLDGNFYDLNSTIAGVPLNIGFPSRVFAGFAALPA
;
_entity_poly.pdbx_strand_id   A
#
# COMPACT_ATOMS: atom_id res chain seq x y z
N ALA A 3 11.24 2.28 23.59
CA ALA A 3 12.16 1.13 23.39
C ALA A 3 13.40 1.58 22.58
N ASN A 4 14.59 1.30 23.18
N ASN A 4 14.65 1.43 23.07
CA ASN A 4 15.94 1.53 22.60
CA ASN A 4 15.83 1.76 22.20
C ASN A 4 16.30 0.38 21.62
C ASN A 4 16.25 0.52 21.40
N THR A 5 15.32 -0.43 21.19
CA THR A 5 15.53 -1.61 20.32
C THR A 5 14.72 -1.53 19.02
N PHE A 6 15.08 -2.43 18.10
CA PHE A 6 14.53 -2.63 16.75
C PHE A 6 13.95 -4.04 16.70
N LEU A 7 12.68 -4.20 16.32
CA LEU A 7 12.08 -5.54 16.19
C LEU A 7 12.30 -6.01 14.78
N VAL A 8 12.77 -7.24 14.60
CA VAL A 8 13.12 -7.83 13.29
C VAL A 8 12.33 -9.12 13.23
N LYS A 9 11.49 -9.27 12.24
CA LYS A 9 10.80 -10.51 11.91
C LYS A 9 11.82 -11.40 11.20
N GLU A 10 12.23 -12.50 11.83
CA GLU A 10 13.32 -13.34 11.28
C GLU A 10 12.69 -14.27 10.26
N ASP A 11 11.46 -14.70 10.49
CA ASP A 11 10.74 -15.64 9.59
C ASP A 11 9.24 -15.40 9.82
N SER A 12 8.38 -16.30 9.36
CA SER A 12 6.91 -16.11 9.43
C SER A 12 6.35 -16.21 10.87
N LYS A 13 7.15 -16.56 11.89
CA LYS A 13 6.68 -16.85 13.28
C LYS A 13 7.48 -16.10 14.34
N ASN A 14 8.75 -15.78 14.10
CA ASN A 14 9.73 -15.33 15.11
C ASN A 14 10.04 -13.83 14.99
N VAL A 15 9.98 -13.13 16.09
CA VAL A 15 10.45 -11.72 16.19
C VAL A 15 11.57 -11.68 17.23
N THR A 16 12.69 -11.07 16.84
CA THR A 16 13.88 -10.86 17.65
C THR A 16 14.10 -9.37 17.87
N ALA A 17 14.57 -8.98 19.04
CA ALA A 17 14.83 -7.58 19.41
C ALA A 17 16.32 -7.30 19.19
N TYR A 18 16.66 -6.27 18.41
CA TYR A 18 18.04 -5.90 18.01
C TYR A 18 18.39 -4.58 18.67
N THR A 19 19.67 -4.45 19.08
CA THR A 19 20.28 -3.21 19.59
C THR A 19 20.60 -2.32 18.40
N PRO A 20 20.97 -1.05 18.65
CA PRO A 20 21.47 -0.17 17.60
C PRO A 20 22.84 -0.62 17.03
N PHE A 21 23.50 -1.57 17.69
CA PHE A 21 24.79 -2.17 17.26
C PHE A 21 24.52 -3.33 16.31
N ALA A 22 23.25 -3.55 15.95
CA ALA A 22 22.82 -4.61 15.01
C ALA A 22 23.13 -6.00 15.56
N THR A 23 22.95 -6.17 16.86
CA THR A 23 23.12 -7.45 17.60
C THR A 23 21.79 -7.81 18.24
N PRO A 24 21.48 -9.12 18.32
CA PRO A 24 20.23 -9.58 18.90
C PRO A 24 20.37 -9.50 20.42
N ILE A 25 19.33 -9.00 21.10
CA ILE A 25 19.20 -9.18 22.56
C ILE A 25 19.08 -10.66 22.89
N THR A 26 19.92 -11.18 23.78
CA THR A 26 19.96 -12.63 24.11
C THR A 26 18.57 -13.08 24.58
N ASP A 27 18.09 -14.20 24.06
CA ASP A 27 16.78 -14.80 24.42
C ASP A 27 15.60 -13.93 24.00
N SER A 28 15.79 -12.87 23.19
CA SER A 28 14.65 -12.00 22.78
C SER A 28 13.85 -12.70 21.70
N LYS A 29 14.43 -13.73 21.07
CA LYS A 29 13.80 -14.37 19.90
C LYS A 29 12.51 -15.07 20.33
N SER A 30 11.38 -14.78 19.66
CA SER A 30 10.06 -15.30 20.14
C SER A 30 9.22 -15.79 18.96
N ASP A 31 8.76 -17.03 19.11
CA ASP A 31 7.71 -17.63 18.26
C ASP A 31 6.39 -17.00 18.71
N LEU A 32 6.00 -15.89 18.08
CA LEU A 32 4.78 -15.15 18.50
C LEU A 32 3.52 -15.96 18.12
N VAL A 33 3.65 -16.88 17.16
CA VAL A 33 2.54 -17.81 16.81
C VAL A 33 2.30 -18.76 17.98
N SER A 34 3.33 -19.48 18.43
CA SER A 34 3.26 -20.42 19.58
C SER A 34 2.73 -19.66 20.79
N LEU A 35 3.12 -18.40 20.96
CA LEU A 35 2.79 -17.63 22.18
C LEU A 35 1.35 -17.10 22.09
N ALA A 36 0.81 -16.90 20.89
CA ALA A 36 -0.61 -16.57 20.65
C ALA A 36 -1.50 -17.79 20.85
N GLN A 37 -0.91 -18.96 21.12
CA GLN A 37 -1.62 -20.26 21.30
C GLN A 37 -2.40 -20.58 20.02
N LEU A 38 -1.82 -20.27 18.87
CA LEU A 38 -2.29 -20.65 17.51
C LEU A 38 -1.41 -21.81 17.01
N ASP A 39 -1.96 -22.66 16.12
CA ASP A 39 -1.26 -23.85 15.56
C ASP A 39 -0.27 -23.41 14.48
N SER A 40 0.58 -24.34 14.04
CA SER A 40 1.76 -24.09 13.19
C SER A 40 1.34 -23.61 11.79
N SER A 41 0.06 -23.71 11.43
CA SER A 41 -0.48 -23.19 10.14
C SER A 41 -0.56 -21.65 10.15
N TYR A 42 -0.46 -20.99 11.32
CA TYR A 42 -0.55 -19.51 11.40
C TYR A 42 0.81 -18.86 11.13
N GLN A 43 0.77 -17.67 10.53
CA GLN A 43 1.95 -16.83 10.17
C GLN A 43 1.67 -15.38 10.50
N ILE A 44 2.71 -14.62 10.79
CA ILE A 44 2.60 -13.15 11.04
C ILE A 44 2.36 -12.43 9.73
N ALA A 45 1.28 -11.64 9.65
CA ALA A 45 0.93 -10.84 8.46
C ALA A 45 1.53 -9.45 8.64
N ASP A 46 1.44 -8.92 9.85
CA ASP A 46 1.76 -7.47 10.09
C ASP A 46 1.89 -7.31 11.60
N GLN A 47 2.55 -6.23 11.99
CA GLN A 47 2.79 -5.92 13.42
C GLN A 47 3.05 -4.42 13.59
N THR A 48 2.74 -3.93 14.76
CA THR A 48 2.90 -2.51 15.09
C THR A 48 3.04 -2.41 16.62
N ILE A 49 3.71 -1.35 17.02
CA ILE A 49 3.87 -0.94 18.42
C ILE A 49 2.84 0.14 18.64
N HIS A 50 2.10 0.06 19.73
CA HIS A 50 1.27 1.15 20.25
C HIS A 50 1.42 1.23 21.77
N ASN A 51 1.92 2.35 22.28
CA ASN A 51 2.11 2.57 23.74
C ASN A 51 2.96 1.46 24.36
N THR A 52 4.07 1.13 23.74
CA THR A 52 5.00 0.08 24.23
C THR A 52 4.47 -1.34 24.06
N ASN A 53 3.22 -1.60 23.72
CA ASN A 53 2.81 -3.02 23.51
C ASN A 53 2.92 -3.35 22.02
N LEU A 54 3.07 -4.65 21.74
CA LEU A 54 3.25 -5.17 20.36
C LEU A 54 1.93 -5.79 19.91
N PHE A 55 1.36 -5.32 18.81
CA PHE A 55 0.09 -5.88 18.22
C PHE A 55 0.40 -6.62 16.91
N VAL A 56 0.02 -7.89 16.89
CA VAL A 56 0.39 -8.79 15.76
C VAL A 56 -0.92 -9.33 15.14
N LEU A 57 -0.97 -9.28 13.82
CA LEU A 57 -2.04 -9.84 12.94
C LEU A 57 -1.57 -11.21 12.48
N PHE A 58 -2.28 -12.27 12.80
CA PHE A 58 -2.00 -13.64 12.31
C PHE A 58 -3.10 -14.10 11.34
N LYS A 59 -2.69 -14.87 10.34
CA LYS A 59 -3.60 -15.59 9.42
C LYS A 59 -3.03 -16.98 9.13
N SER A 60 -3.88 -17.90 8.73
CA SER A 60 -3.59 -19.34 8.64
C SER A 60 -3.63 -19.78 7.17
N ARG A 61 -2.64 -20.60 6.79
CA ARG A 61 -2.52 -21.26 5.46
C ARG A 61 -3.59 -22.35 5.29
N ASP A 62 -4.27 -22.75 6.37
CA ASP A 62 -5.29 -23.85 6.37
C ASP A 62 -6.71 -23.28 6.24
N VAL A 63 -6.86 -21.95 6.18
CA VAL A 63 -8.22 -21.35 6.28
C VAL A 63 -9.04 -21.73 5.04
N LYS A 64 -10.28 -22.15 5.26
CA LYS A 64 -11.24 -22.41 4.16
C LYS A 64 -12.57 -21.75 4.51
N VAL A 65 -13.08 -21.03 3.54
CA VAL A 65 -14.33 -20.24 3.61
C VAL A 65 -15.19 -20.77 2.46
N LYS A 66 -16.51 -20.74 2.66
CA LYS A 66 -17.56 -21.17 1.71
C LYS A 66 -18.55 -20.03 1.60
N TYR A 67 -19.16 -19.87 0.41
CA TYR A 67 -20.35 -19.01 0.19
C TYR A 67 -21.47 -19.92 -0.30
N GLU A 68 -22.56 -20.01 0.49
CA GLU A 68 -23.81 -20.73 0.13
C GLU A 68 -24.84 -19.66 -0.24
N SER A 69 -25.25 -19.66 -1.51
CA SER A 69 -26.22 -18.68 -2.10
C SER A 69 -27.57 -18.66 -1.36
N SER A 70 -27.99 -19.74 -0.67
CA SER A 70 -29.32 -19.86 -0.02
C SER A 70 -29.20 -19.93 1.50
N GLY A 71 -30.32 -19.89 2.23
CA GLY A 71 -30.32 -19.66 3.68
C GLY A 71 -29.90 -18.22 3.96
N SER A 72 -29.37 -17.90 5.14
CA SER A 72 -28.84 -16.52 5.31
C SER A 72 -27.64 -16.40 6.26
N ASN A 73 -26.89 -17.46 6.57
CA ASN A 73 -25.52 -17.21 7.14
C ASN A 73 -24.53 -17.62 6.05
N ASN A 74 -24.55 -16.83 4.98
CA ASN A 74 -24.14 -17.24 3.61
C ASN A 74 -22.64 -17.51 3.59
N ILE A 75 -21.85 -16.62 4.21
CA ILE A 75 -20.37 -16.75 4.36
C ILE A 75 -20.11 -17.41 5.71
N SER A 76 -19.41 -18.56 5.70
CA SER A 76 -18.97 -19.30 6.92
C SER A 76 -17.61 -19.97 6.66
N PHE A 77 -16.89 -20.35 7.71
CA PHE A 77 -15.66 -21.17 7.59
C PHE A 77 -16.06 -22.62 7.33
N ASP A 78 -15.24 -23.35 6.58
CA ASP A 78 -15.41 -24.80 6.34
C ASP A 78 -14.95 -25.54 7.59
N SER A 79 -15.89 -25.74 8.53
CA SER A 79 -15.75 -26.37 9.87
C SER A 79 -15.52 -27.88 9.77
N THR A 80 -15.73 -28.49 8.60
CA THR A 80 -15.32 -29.90 8.31
C THR A 80 -13.82 -29.89 8.00
N SER A 81 -13.14 -31.03 8.21
CA SER A 81 -11.66 -31.22 8.13
C SER A 81 -10.93 -30.37 9.18
N GLN A 82 -10.21 -29.31 8.77
CA GLN A 82 -9.51 -28.35 9.65
C GLN A 82 -9.24 -27.06 8.86
N GLY A 83 -10.28 -26.23 8.69
CA GLY A 83 -10.26 -24.90 8.05
C GLY A 83 -11.03 -23.83 8.83
N GLU A 84 -11.55 -24.18 10.05
CA GLU A 84 -12.11 -23.22 11.03
C GLU A 84 -10.93 -22.47 11.65
N LYS A 85 -10.32 -21.58 10.88
CA LYS A 85 -8.99 -21.00 11.15
C LYS A 85 -9.08 -19.49 10.91
N PRO A 86 -9.88 -18.78 11.73
CA PRO A 86 -10.00 -17.33 11.58
C PRO A 86 -8.64 -16.66 11.81
N SER A 87 -8.47 -15.50 11.21
CA SER A 87 -7.31 -14.64 11.47
C SER A 87 -7.49 -13.90 12.82
N TYR A 88 -6.39 -13.62 13.52
CA TYR A 88 -6.37 -13.10 14.92
C TYR A 88 -5.46 -11.88 14.99
N VAL A 89 -5.85 -10.88 15.77
CA VAL A 89 -4.94 -9.79 16.24
C VAL A 89 -4.58 -10.12 17.68
N VAL A 90 -3.32 -9.93 18.08
CA VAL A 90 -2.90 -10.20 19.49
C VAL A 90 -2.06 -9.05 20.02
N GLU A 91 -2.39 -8.58 21.22
CA GLU A 91 -1.59 -7.60 21.97
C GLU A 91 -0.66 -8.38 22.90
N PHE A 92 0.64 -8.14 22.74
CA PHE A 92 1.71 -8.61 23.64
C PHE A 92 2.30 -7.43 24.42
N THR A 93 2.70 -7.67 25.65
CA THR A 93 3.46 -6.67 26.47
C THR A 93 4.79 -7.31 26.91
N ASN A 94 5.81 -6.49 27.09
CA ASN A 94 7.11 -7.01 27.59
C ASN A 94 7.01 -7.07 29.10
N SER A 95 7.08 -8.28 29.67
CA SER A 95 6.84 -8.49 31.12
C SER A 95 8.12 -8.26 31.95
N THR A 96 9.31 -8.20 31.37
CA THR A 96 10.59 -8.03 32.13
C THR A 96 11.11 -6.62 31.92
N ASN A 97 11.82 -6.11 32.93
CA ASN A 97 12.63 -4.85 32.87
C ASN A 97 14.01 -5.16 32.30
N ILE A 98 14.44 -6.44 32.27
CA ILE A 98 15.79 -6.82 31.77
C ILE A 98 15.63 -7.84 30.66
N GLY A 99 15.94 -7.47 29.43
CA GLY A 99 15.69 -8.33 28.27
C GLY A 99 14.25 -8.21 27.79
N ILE A 100 13.84 -9.17 26.97
CA ILE A 100 12.52 -9.19 26.25
C ILE A 100 11.83 -10.52 26.57
N LYS A 101 10.67 -10.45 27.23
CA LYS A 101 9.85 -11.66 27.45
C LYS A 101 8.41 -11.27 27.10
N TRP A 102 8.02 -11.56 25.87
CA TRP A 102 6.64 -11.25 25.43
C TRP A 102 5.71 -12.19 26.17
N THR A 103 4.61 -11.60 26.66
CA THR A 103 3.46 -12.33 27.23
C THR A 103 2.16 -11.81 26.55
N MET A 104 1.23 -12.71 26.27
CA MET A 104 -0.05 -12.38 25.60
C MET A 104 -0.95 -11.63 26.58
N VAL A 105 -1.51 -10.48 26.18
CA VAL A 105 -2.47 -9.68 26.99
C VAL A 105 -3.92 -9.87 26.49
N LYS A 106 -4.17 -9.83 25.17
CA LYS A 106 -5.54 -9.84 24.63
C LYS A 106 -5.50 -10.42 23.22
N LYS A 107 -6.50 -11.23 22.89
CA LYS A 107 -6.60 -12.04 21.65
C LYS A 107 -7.96 -11.77 21.02
N TYR A 108 -8.03 -11.48 19.74
CA TYR A 108 -9.24 -10.97 19.07
C TYR A 108 -9.40 -11.73 17.76
N GLN A 109 -10.50 -12.47 17.63
CA GLN A 109 -10.85 -13.27 16.42
C GLN A 109 -11.48 -12.32 15.39
N LEU A 110 -11.03 -12.39 14.14
CA LEU A 110 -11.63 -11.64 13.01
C LEU A 110 -12.66 -12.56 12.33
N ASP A 111 -13.93 -12.40 12.68
CA ASP A 111 -15.02 -13.25 12.13
C ASP A 111 -15.37 -12.89 10.68
N VAL A 112 -16.03 -13.82 9.99
CA VAL A 112 -16.53 -13.64 8.58
C VAL A 112 -17.63 -12.59 8.60
N PRO A 113 -17.80 -11.82 7.50
CA PRO A 113 -18.84 -10.80 7.43
C PRO A 113 -20.28 -11.31 7.50
N ASN A 114 -21.16 -10.57 8.18
CA ASN A 114 -22.64 -10.70 8.08
C ASN A 114 -23.10 -10.49 6.63
N VAL A 115 -24.16 -11.17 6.23
CA VAL A 115 -24.77 -11.04 4.89
C VAL A 115 -26.26 -10.78 5.07
N SER A 116 -26.67 -9.54 4.78
CA SER A 116 -28.10 -9.15 4.71
C SER A 116 -28.75 -9.88 3.52
N SER A 117 -30.07 -10.13 3.60
CA SER A 117 -30.90 -10.56 2.45
C SER A 117 -30.47 -9.76 1.19
N ASP A 118 -30.48 -8.43 1.30
CA ASP A 118 -30.20 -7.50 0.17
C ASP A 118 -28.81 -7.78 -0.40
N MET A 119 -27.81 -7.87 0.48
CA MET A 119 -26.40 -8.09 0.09
C MET A 119 -26.29 -9.40 -0.70
N ASN A 120 -26.91 -10.47 -0.17
CA ASN A 120 -26.83 -11.87 -0.68
C ASN A 120 -27.47 -11.94 -2.07
N GLN A 121 -28.50 -11.13 -2.33
CA GLN A 121 -29.06 -11.00 -3.70
C GLN A 121 -27.96 -10.49 -4.65
N VAL A 122 -27.06 -9.60 -4.21
CA VAL A 122 -25.93 -9.15 -5.07
C VAL A 122 -24.86 -10.23 -5.12
N LEU A 123 -24.51 -10.82 -3.98
CA LEU A 123 -23.42 -11.81 -3.89
C LEU A 123 -23.72 -13.04 -4.76
N LYS A 124 -24.99 -13.41 -4.85
CA LYS A 124 -25.53 -14.55 -5.64
C LYS A 124 -24.86 -14.60 -7.02
N ASN A 125 -24.78 -13.45 -7.69
CA ASN A 125 -24.33 -13.34 -9.10
C ASN A 125 -23.12 -12.41 -9.18
N LEU A 126 -22.47 -12.20 -8.05
CA LEU A 126 -21.23 -11.42 -8.01
C LEU A 126 -20.13 -12.29 -8.62
N ILE A 127 -19.30 -11.63 -9.43
CA ILE A 127 -18.24 -12.30 -10.20
C ILE A 127 -16.95 -11.45 -10.12
N LEU A 128 -15.80 -12.11 -9.92
CA LEU A 128 -14.52 -11.40 -9.64
C LEU A 128 -13.42 -11.88 -10.60
N GLU A 129 -12.72 -10.93 -11.25
CA GLU A 129 -11.56 -11.19 -12.15
C GLU A 129 -10.43 -11.92 -11.38
N GLN A 130 -9.77 -12.88 -12.02
CA GLN A 130 -8.52 -13.50 -11.54
C GLN A 130 -7.51 -12.39 -11.25
N PRO A 131 -6.75 -12.54 -10.16
CA PRO A 131 -5.87 -11.49 -9.68
C PRO A 131 -4.73 -11.16 -10.64
N LEU A 132 -4.34 -9.89 -10.65
CA LEU A 132 -3.18 -9.44 -11.43
C LEU A 132 -1.89 -9.89 -10.72
N THR A 133 -0.94 -10.42 -11.48
CA THR A 133 0.38 -10.88 -11.04
C THR A 133 1.42 -10.06 -11.79
N LYS A 134 2.62 -10.14 -11.30
CA LYS A 134 3.93 -9.79 -11.89
C LYS A 134 3.97 -10.02 -13.40
N TYR A 135 3.41 -11.16 -13.82
CA TYR A 135 3.55 -11.69 -15.21
C TYR A 135 2.33 -11.28 -16.07
N THR A 136 1.30 -10.61 -15.54
CA THR A 136 0.09 -10.25 -16.35
C THR A 136 0.51 -9.24 -17.43
N LEU A 137 0.25 -9.50 -18.71
CA LEU A 137 0.63 -8.58 -19.82
C LEU A 137 -0.50 -7.58 -20.09
N ASN A 138 -0.18 -6.46 -20.72
CA ASN A 138 -1.18 -5.50 -21.24
C ASN A 138 -2.20 -6.31 -22.05
N SER A 139 -1.72 -7.29 -22.81
CA SER A 139 -2.55 -8.09 -23.76
C SER A 139 -3.45 -9.07 -22.99
N SER A 140 -3.00 -9.54 -21.83
CA SER A 140 -3.73 -10.45 -20.90
C SER A 140 -4.99 -9.78 -20.39
N LEU A 141 -4.88 -8.50 -20.04
CA LEU A 141 -5.96 -7.69 -19.41
C LEU A 141 -7.01 -7.34 -20.48
N ALA A 142 -6.55 -6.88 -21.64
CA ALA A 142 -7.31 -6.58 -22.87
C ALA A 142 -8.54 -7.50 -22.96
N LYS A 143 -9.70 -6.92 -23.25
CA LYS A 143 -10.95 -7.71 -23.42
C LYS A 143 -11.66 -7.28 -24.70
N GLU A 144 -12.41 -8.20 -25.31
CA GLU A 144 -13.18 -7.98 -26.58
C GLU A 144 -14.14 -6.78 -26.42
N LYS A 145 -14.02 -5.81 -27.33
CA LYS A 145 -14.88 -4.60 -27.41
C LYS A 145 -16.34 -5.06 -27.48
N GLY A 146 -17.21 -4.46 -26.67
CA GLY A 146 -18.64 -4.78 -26.59
C GLY A 146 -19.43 -4.05 -27.67
N LYS A 147 -20.76 -4.05 -27.54
CA LYS A 147 -21.70 -3.34 -28.46
C LYS A 147 -21.54 -1.83 -28.32
N THR A 148 -21.74 -1.11 -29.42
CA THR A 148 -21.81 0.37 -29.45
C THR A 148 -23.17 0.81 -28.87
N GLN A 149 -23.26 2.08 -28.46
CA GLN A 149 -24.45 2.62 -27.76
C GLN A 149 -25.64 2.49 -28.71
N ARG A 150 -25.42 2.63 -30.01
CA ARG A 150 -26.55 2.64 -30.96
C ARG A 150 -26.96 1.19 -31.34
N GLU A 151 -26.05 0.20 -31.31
CA GLU A 151 -26.37 -1.25 -31.50
C GLU A 151 -27.33 -1.73 -30.40
N VAL A 152 -27.08 -1.31 -29.15
CA VAL A 152 -27.83 -1.72 -27.91
C VAL A 152 -29.26 -1.19 -27.97
N HIS A 153 -29.40 0.07 -28.39
CA HIS A 153 -30.61 0.91 -28.29
C HIS A 153 -31.49 0.70 -29.54
N LEU A 154 -30.95 0.94 -30.74
CA LEU A 154 -31.66 0.85 -32.05
C LEU A 154 -31.49 -0.55 -32.65
N GLY A 155 -30.25 -1.06 -32.74
CA GLY A 155 -29.93 -2.41 -33.25
C GLY A 155 -28.97 -2.36 -34.45
N SER A 156 -28.76 -3.55 -35.07
CA SER A 156 -28.37 -3.71 -36.49
C SER A 156 -29.42 -2.97 -37.35
N GLY A 157 -29.11 -1.72 -37.69
CA GLY A 157 -30.08 -0.66 -38.04
C GLY A 157 -29.50 0.72 -37.82
N GLN A 158 -28.29 0.96 -38.37
CA GLN A 158 -27.83 2.21 -39.06
C GLN A 158 -27.76 3.42 -38.10
N ALA A 159 -26.67 4.19 -38.20
CA ALA A 159 -26.49 5.54 -37.59
C ALA A 159 -27.03 6.62 -38.54
N ASN A 160 -27.74 6.21 -39.59
CA ASN A 160 -28.60 7.13 -40.39
C ASN A 160 -29.78 7.55 -39.51
N GLN A 161 -30.35 6.60 -38.76
CA GLN A 161 -31.54 6.78 -37.87
C GLN A 161 -31.10 7.11 -36.43
N TRP A 162 -29.85 7.53 -36.20
CA TRP A 162 -29.32 7.85 -34.84
C TRP A 162 -29.92 9.17 -34.34
N THR A 163 -29.99 10.20 -35.20
CA THR A 163 -30.51 11.55 -34.83
C THR A 163 -32.05 11.53 -34.68
N SER A 164 -32.79 10.74 -35.48
CA SER A 164 -34.29 10.65 -35.45
C SER A 164 -34.78 10.00 -34.14
N GLN A 165 -33.93 9.24 -33.44
CA GLN A 165 -34.33 8.16 -32.49
C GLN A 165 -33.80 8.40 -31.08
N ARG A 166 -32.69 9.14 -30.91
CA ARG A 166 -31.98 9.24 -29.59
C ARG A 166 -32.90 9.88 -28.55
N ASN A 167 -33.91 10.61 -29.00
CA ASN A 167 -34.92 11.25 -28.11
C ASN A 167 -35.82 10.17 -27.48
N GLN A 168 -36.20 9.10 -28.23
CA GLN A 168 -37.08 8.02 -27.68
C GLN A 168 -36.30 7.07 -26.77
N HIS A 169 -34.96 7.23 -26.61
CA HIS A 169 -34.10 6.39 -25.73
C HIS A 169 -33.30 7.25 -24.73
N ASP A 170 -33.74 8.50 -24.52
CA ASP A 170 -33.21 9.41 -23.47
C ASP A 170 -31.72 9.74 -23.76
N LEU A 171 -31.38 9.99 -25.04
CA LEU A 171 -29.98 10.22 -25.51
C LEU A 171 -29.89 11.54 -26.31
N ASN A 172 -30.66 12.56 -25.93
CA ASN A 172 -30.82 13.83 -26.71
C ASN A 172 -29.43 14.45 -26.93
N ASN A 173 -29.15 14.89 -28.17
CA ASN A 173 -27.94 15.67 -28.57
C ASN A 173 -26.67 14.86 -28.31
N ASN A 174 -26.75 13.54 -28.23
CA ASN A 174 -25.57 12.67 -27.98
C ASN A 174 -24.84 12.45 -29.29
N PRO A 175 -23.56 12.89 -29.40
CA PRO A 175 -22.82 12.77 -30.66
C PRO A 175 -22.06 11.44 -30.95
N SER A 176 -22.32 10.43 -30.07
CA SER A 176 -21.41 9.26 -29.84
C SER A 176 -22.20 7.94 -30.01
N PRO A 177 -22.73 7.70 -31.22
CA PRO A 177 -23.41 6.43 -31.51
C PRO A 177 -22.41 5.26 -31.43
N ASN A 178 -21.14 5.53 -31.74
CA ASN A 178 -20.06 4.52 -31.87
C ASN A 178 -19.27 4.44 -30.54
N ALA A 179 -19.81 5.01 -29.45
CA ALA A 179 -19.22 4.88 -28.10
C ALA A 179 -19.52 3.47 -27.59
N SER A 180 -18.49 2.83 -27.05
CA SER A 180 -18.51 1.48 -26.45
C SER A 180 -19.33 1.44 -25.15
N THR A 181 -20.09 0.36 -24.98
CA THR A 181 -20.97 0.05 -23.82
C THR A 181 -20.26 -0.98 -22.93
N GLY A 182 -19.14 -1.51 -23.40
CA GLY A 182 -18.11 -2.08 -22.54
C GLY A 182 -17.36 -3.18 -23.25
N PHE A 183 -17.39 -4.38 -22.66
CA PHE A 183 -16.44 -5.47 -23.01
C PHE A 183 -17.05 -6.86 -22.73
N LYS A 184 -16.61 -7.85 -23.52
CA LYS A 184 -17.20 -9.21 -23.54
C LYS A 184 -16.59 -10.08 -22.45
N LEU A 185 -17.41 -10.97 -21.89
CA LEU A 185 -17.03 -11.85 -20.77
C LEU A 185 -16.96 -13.30 -21.23
N THR A 186 -16.85 -13.55 -22.54
CA THR A 186 -16.74 -14.90 -23.16
C THR A 186 -15.26 -15.21 -23.46
N THR A 187 -14.45 -14.20 -23.75
CA THR A 187 -12.97 -14.31 -23.74
C THR A 187 -12.44 -13.52 -22.55
N GLY A 188 -11.14 -13.56 -22.32
CA GLY A 188 -10.41 -12.82 -21.27
C GLY A 188 -10.05 -13.57 -19.99
N ASN A 189 -9.38 -12.83 -19.10
CA ASN A 189 -9.20 -13.24 -17.69
C ASN A 189 -10.49 -13.87 -17.16
N ALA A 190 -10.33 -14.96 -16.42
CA ALA A 190 -11.43 -15.68 -15.74
C ALA A 190 -12.11 -14.76 -14.73
N TYR A 191 -13.43 -14.71 -14.82
CA TYR A 191 -14.32 -14.15 -13.77
C TYR A 191 -14.99 -15.33 -13.07
N ARG A 192 -15.06 -15.31 -11.75
CA ARG A 192 -15.59 -16.45 -10.96
C ARG A 192 -16.43 -15.91 -9.79
N LYS A 193 -17.49 -16.65 -9.44
CA LYS A 193 -18.34 -16.40 -8.26
C LYS A 193 -17.54 -16.77 -7.00
N LEU A 194 -18.02 -16.28 -5.86
CA LEU A 194 -17.43 -16.49 -4.51
C LEU A 194 -17.20 -17.99 -4.23
N SER A 195 -18.01 -18.88 -4.81
CA SER A 195 -17.98 -20.32 -4.48
C SER A 195 -17.12 -21.06 -5.49
N GLU A 196 -16.63 -20.36 -6.51
CA GLU A 196 -15.78 -20.94 -7.58
C GLU A 196 -14.31 -20.66 -7.28
N SER A 197 -13.42 -21.26 -8.05
CA SER A 197 -11.96 -21.09 -8.03
C SER A 197 -11.45 -20.44 -9.33
N TRP A 198 -10.56 -19.44 -9.20
CA TRP A 198 -9.69 -18.91 -10.29
C TRP A 198 -8.77 -20.01 -10.82
N PRO A 199 -8.36 -19.92 -12.11
CA PRO A 199 -7.34 -20.80 -12.67
C PRO A 199 -5.89 -20.32 -12.43
N ILE A 200 -4.96 -21.23 -12.63
CA ILE A 200 -3.51 -20.88 -12.59
C ILE A 200 -3.04 -20.38 -13.96
N TYR A 201 -3.90 -20.37 -14.97
CA TYR A 201 -3.55 -19.95 -16.36
C TYR A 201 -4.04 -18.51 -16.57
N GLU A 202 -3.20 -17.70 -17.19
CA GLU A 202 -3.57 -16.34 -17.67
C GLU A 202 -3.43 -16.34 -19.18
N PRO A 203 -4.41 -15.80 -19.92
CA PRO A 203 -4.33 -15.76 -21.36
C PRO A 203 -3.27 -14.71 -21.72
N ILE A 204 -2.51 -14.99 -22.77
CA ILE A 204 -1.49 -14.03 -23.31
C ILE A 204 -2.24 -12.92 -24.05
N ASP A 205 -3.20 -13.28 -24.92
CA ASP A 205 -4.11 -12.31 -25.58
C ASP A 205 -5.55 -12.59 -25.09
N GLY A 206 -6.04 -11.85 -24.10
CA GLY A 206 -7.36 -12.08 -23.48
C GLY A 206 -8.52 -11.75 -24.42
N THR A 207 -8.20 -11.04 -25.50
CA THR A 207 -9.03 -10.71 -26.69
C THR A 207 -9.39 -11.98 -27.47
N LYS A 208 -8.62 -13.07 -27.32
CA LYS A 208 -8.83 -14.37 -28.02
C LYS A 208 -8.92 -15.54 -27.03
N GLN A 209 -7.98 -15.66 -26.07
CA GLN A 209 -7.70 -16.91 -25.30
C GLN A 209 -8.41 -16.96 -23.94
N GLY A 210 -9.03 -15.92 -23.44
CA GLY A 210 -9.71 -16.20 -22.16
C GLY A 210 -10.99 -17.01 -22.38
N LYS A 211 -11.62 -17.54 -21.33
CA LYS A 211 -13.06 -17.94 -21.34
C LYS A 211 -13.88 -16.95 -20.53
N GLY A 212 -13.26 -15.91 -19.98
CA GLY A 212 -13.91 -14.91 -19.13
C GLY A 212 -14.71 -15.56 -18.04
N LYS A 213 -16.01 -15.26 -18.00
CA LYS A 213 -16.95 -15.73 -16.94
C LYS A 213 -17.58 -17.05 -17.36
N ASP A 214 -17.33 -17.47 -18.60
CA ASP A 214 -17.81 -18.74 -19.18
C ASP A 214 -17.02 -19.87 -18.50
N SER A 215 -17.29 -19.99 -17.20
CA SER A 215 -16.77 -20.97 -16.24
C SER A 215 -16.89 -22.38 -16.83
N SER A 216 -18.05 -22.70 -17.34
CA SER A 216 -18.41 -24.07 -17.78
C SER A 216 -17.70 -24.41 -19.10
N GLY A 217 -17.59 -23.43 -20.00
CA GLY A 217 -16.73 -23.46 -21.20
C GLY A 217 -15.29 -23.79 -20.83
N TRP A 218 -14.78 -23.14 -19.79
CA TRP A 218 -13.36 -23.20 -19.40
C TRP A 218 -12.97 -24.65 -19.09
N SER A 219 -13.78 -25.36 -18.30
CA SER A 219 -13.40 -26.66 -17.67
C SER A 219 -13.70 -27.83 -18.63
N SER A 220 -14.57 -27.66 -19.62
CA SER A 220 -14.88 -28.71 -20.61
C SER A 220 -14.01 -28.53 -21.87
N THR A 221 -13.80 -27.29 -22.34
CA THR A 221 -12.95 -26.95 -23.52
C THR A 221 -11.56 -26.44 -23.08
N GLU A 222 -11.45 -25.17 -22.70
CA GLU A 222 -10.22 -24.38 -22.92
C GLU A 222 -9.17 -24.71 -21.84
N GLU A 223 -9.56 -25.19 -20.65
CA GLU A 223 -8.58 -25.52 -19.57
C GLU A 223 -7.59 -26.57 -20.09
N ASN A 224 -8.07 -27.59 -20.81
CA ASN A 224 -7.22 -28.70 -21.31
C ASN A 224 -6.14 -28.12 -22.24
N GLU A 225 -6.55 -27.13 -23.06
CA GLU A 225 -5.67 -26.49 -24.08
C GLU A 225 -4.55 -25.78 -23.31
N ALA A 226 -4.92 -24.89 -22.39
CA ALA A 226 -4.00 -24.12 -21.52
C ALA A 226 -3.03 -25.08 -20.81
N LYS A 227 -3.52 -26.19 -20.25
CA LYS A 227 -2.66 -27.18 -19.56
C LYS A 227 -1.61 -27.76 -20.52
N ASN A 228 -1.97 -28.08 -21.76
CA ASN A 228 -1.03 -28.73 -22.72
C ASN A 228 -0.03 -27.67 -23.22
N ASP A 229 -0.49 -26.42 -23.39
CA ASP A 229 0.33 -25.24 -23.78
C ASP A 229 1.28 -24.80 -22.65
N ALA A 230 0.79 -24.78 -21.41
CA ALA A 230 1.43 -24.08 -20.28
C ALA A 230 1.52 -24.98 -19.05
N PRO A 231 2.11 -26.18 -19.16
CA PRO A 231 2.08 -27.15 -18.07
C PRO A 231 3.01 -26.75 -16.92
N SER A 232 2.57 -26.88 -15.68
CA SER A 232 3.39 -26.63 -14.45
C SER A 232 4.72 -27.38 -14.54
N VAL A 233 5.82 -26.78 -14.12
CA VAL A 233 7.16 -27.47 -14.07
C VAL A 233 7.01 -28.79 -13.29
N SER A 234 7.81 -29.81 -13.62
CA SER A 234 7.94 -31.09 -12.85
C SER A 234 8.68 -30.84 -11.52
N SER A 239 9.08 -31.51 -18.20
CA SER A 239 8.01 -31.20 -19.19
C SER A 239 8.51 -30.14 -20.20
N SER A 240 8.48 -28.85 -19.77
CA SER A 240 8.72 -27.62 -20.57
C SER A 240 7.73 -27.51 -21.73
N GLY A 241 7.01 -26.38 -21.82
CA GLY A 241 5.94 -26.18 -22.81
C GLY A 241 6.24 -25.01 -23.73
N THR A 242 5.30 -24.73 -24.64
CA THR A 242 5.44 -23.71 -25.73
C THR A 242 5.02 -22.34 -25.22
N PHE A 243 3.99 -22.27 -24.38
CA PHE A 243 3.40 -20.99 -23.90
C PHE A 243 3.11 -20.05 -25.08
N ASN A 244 2.49 -20.55 -26.16
CA ASN A 244 2.09 -19.72 -27.33
C ASN A 244 0.91 -18.85 -26.91
N LYS A 245 0.09 -19.34 -25.97
CA LYS A 245 -1.30 -18.84 -25.76
C LYS A 245 -1.57 -18.46 -24.30
N TYR A 246 -1.05 -19.21 -23.35
CA TYR A 246 -1.28 -18.99 -21.91
C TYR A 246 0.06 -18.90 -21.17
N LEU A 247 0.11 -17.99 -20.21
CA LEU A 247 1.09 -17.98 -19.09
C LEU A 247 0.58 -18.89 -17.99
N ASN A 248 1.47 -19.53 -17.23
CA ASN A 248 1.13 -20.30 -16.00
C ASN A 248 1.83 -19.62 -14.80
N THR A 249 1.02 -18.97 -13.94
CA THR A 249 1.44 -18.05 -12.86
C THR A 249 1.20 -18.67 -11.49
N LYS A 250 1.17 -20.00 -11.37
CA LYS A 250 0.90 -20.71 -10.08
C LYS A 250 1.82 -20.17 -8.98
N GLN A 251 3.13 -20.18 -9.21
CA GLN A 251 4.12 -19.80 -8.18
C GLN A 251 3.96 -18.31 -7.94
N ALA A 252 3.60 -17.50 -8.95
CA ALA A 252 3.36 -16.04 -8.78
C ALA A 252 2.08 -15.83 -7.96
N LEU A 253 1.03 -16.60 -8.21
CA LEU A 253 -0.20 -16.62 -7.36
C LEU A 253 0.21 -16.98 -5.89
N GLU A 254 1.01 -18.03 -5.66
CA GLU A 254 1.40 -18.39 -4.26
C GLU A 254 2.08 -17.19 -3.58
N SER A 255 3.01 -16.53 -4.26
CA SER A 255 3.76 -15.35 -3.78
C SER A 255 2.85 -14.23 -3.30
N ILE A 256 1.68 -14.08 -3.90
CA ILE A 256 0.79 -12.96 -3.47
C ILE A 256 -0.28 -13.43 -2.48
N GLY A 257 -0.13 -14.61 -1.87
CA GLY A 257 -1.04 -15.12 -0.82
C GLY A 257 -2.29 -15.77 -1.37
N ILE A 258 -2.28 -16.29 -2.63
CA ILE A 258 -3.29 -17.27 -3.10
C ILE A 258 -2.99 -18.64 -2.45
N LEU A 259 -4.01 -19.24 -1.83
CA LEU A 259 -3.96 -20.55 -1.13
C LEU A 259 -4.44 -21.67 -2.04
N PHE A 260 -3.87 -22.85 -1.84
CA PHE A 260 -3.91 -24.02 -2.75
C PHE A 260 -4.24 -25.30 -1.98
N ASP A 261 -5.14 -26.11 -2.55
CA ASP A 261 -5.24 -27.57 -2.34
C ASP A 261 -4.50 -28.21 -3.52
N ASP A 262 -3.25 -28.63 -3.29
CA ASP A 262 -2.27 -29.10 -4.32
C ASP A 262 -2.10 -28.01 -5.40
N GLN A 263 -2.53 -28.26 -6.64
CA GLN A 263 -2.39 -27.36 -7.83
C GLN A 263 -3.66 -26.52 -8.06
N THR A 264 -4.70 -26.67 -7.24
CA THR A 264 -6.00 -25.95 -7.43
C THR A 264 -6.15 -24.83 -6.41
N PRO A 265 -6.28 -23.54 -6.84
CA PRO A 265 -6.58 -22.46 -5.90
C PRO A 265 -7.92 -22.72 -5.18
N ARG A 266 -7.93 -22.43 -3.88
CA ARG A 266 -9.17 -22.43 -3.07
C ARG A 266 -10.13 -21.40 -3.65
N ASN A 267 -11.39 -21.49 -3.24
CA ASN A 267 -12.49 -20.68 -3.81
C ASN A 267 -12.21 -19.20 -3.53
N VAL A 268 -12.82 -18.31 -4.31
CA VAL A 268 -12.61 -16.84 -4.28
C VAL A 268 -12.87 -16.29 -2.87
N ILE A 269 -13.96 -16.73 -2.23
CA ILE A 269 -14.34 -16.17 -0.91
C ILE A 269 -13.17 -16.43 0.03
N THR A 270 -12.52 -17.60 -0.09
CA THR A 270 -11.35 -17.93 0.74
C THR A 270 -10.26 -16.90 0.45
N GLN A 271 -9.96 -16.67 -0.82
CA GLN A 271 -8.82 -15.79 -1.17
C GLN A 271 -9.11 -14.39 -0.63
N LEU A 272 -10.34 -13.93 -0.77
CA LEU A 272 -10.77 -12.59 -0.32
C LEU A 272 -10.54 -12.47 1.19
N TYR A 273 -10.98 -13.46 1.96
CA TYR A 273 -10.90 -13.44 3.44
C TYR A 273 -9.40 -13.38 3.80
N TYR A 274 -8.59 -14.29 3.26
CA TYR A 274 -7.16 -14.44 3.56
C TYR A 274 -6.43 -13.15 3.22
N ALA A 275 -6.68 -12.54 2.04
CA ALA A 275 -6.08 -11.25 1.62
C ALA A 275 -6.61 -10.15 2.53
N SER A 276 -7.89 -10.21 2.89
CA SER A 276 -8.53 -9.11 3.67
C SER A 276 -7.85 -8.94 5.05
N THR A 277 -7.26 -9.97 5.65
CA THR A 277 -6.59 -9.87 6.98
C THR A 277 -5.08 -9.71 6.77
N SER A 278 -4.61 -8.55 6.26
CA SER A 278 -3.17 -8.39 5.85
C SER A 278 -2.46 -7.24 6.59
N LYS A 279 -3.14 -6.16 6.98
CA LYS A 279 -2.53 -4.94 7.54
C LYS A 279 -3.30 -4.53 8.78
N LEU A 280 -2.61 -4.02 9.80
CA LEU A 280 -3.33 -3.53 11.00
C LEU A 280 -2.83 -2.17 11.43
N ALA A 281 -3.68 -1.48 12.16
CA ALA A 281 -3.30 -0.23 12.82
C ALA A 281 -4.08 -0.19 14.12
N VAL A 282 -3.61 0.63 15.06
CA VAL A 282 -4.02 0.58 16.48
C VAL A 282 -4.08 2.01 17.01
N THR A 283 -5.15 2.28 17.72
CA THR A 283 -5.46 3.57 18.37
C THR A 283 -5.75 3.23 19.83
N ASN A 284 -6.05 4.25 20.64
CA ASN A 284 -6.44 4.05 22.06
C ASN A 284 -7.65 3.11 22.16
N ASN A 285 -8.64 3.22 21.26
CA ASN A 285 -9.89 2.42 21.39
C ASN A 285 -9.98 1.28 20.37
N HIS A 286 -9.23 1.33 19.27
CA HIS A 286 -9.54 0.43 18.13
C HIS A 286 -8.32 -0.29 17.59
N ILE A 287 -8.57 -1.49 17.10
CA ILE A 287 -7.74 -2.20 16.11
C ILE A 287 -8.51 -2.22 14.81
N VAL A 288 -7.89 -1.73 13.74
CA VAL A 288 -8.45 -1.78 12.38
C VAL A 288 -7.60 -2.71 11.53
N VAL A 289 -8.25 -3.64 10.82
CA VAL A 289 -7.55 -4.60 9.93
C VAL A 289 -8.09 -4.39 8.49
N MET A 290 -7.19 -4.31 7.53
CA MET A 290 -7.56 -4.18 6.11
C MET A 290 -6.72 -5.13 5.27
N GLY A 291 -7.03 -5.19 4.00
CA GLY A 291 -6.51 -6.18 3.02
C GLY A 291 -5.23 -5.69 2.38
N ASN A 292 -4.68 -6.48 1.48
CA ASN A 292 -3.34 -6.23 0.89
C ASN A 292 -3.53 -5.47 -0.43
N SER A 293 -2.44 -5.06 -1.09
CA SER A 293 -2.41 -4.27 -2.36
C SER A 293 -2.63 -5.18 -3.56
N PHE A 294 -2.61 -6.50 -3.37
CA PHE A 294 -2.67 -7.52 -4.46
C PHE A 294 -4.11 -7.94 -4.85
N LEU A 295 -5.04 -8.16 -3.91
CA LEU A 295 -6.44 -8.57 -4.24
C LEU A 295 -7.34 -7.43 -3.77
N PRO A 296 -8.49 -7.21 -4.46
CA PRO A 296 -9.52 -6.32 -3.94
C PRO A 296 -9.94 -6.89 -2.58
N SER A 297 -10.24 -6.00 -1.64
CA SER A 297 -10.94 -6.31 -0.38
C SER A 297 -12.32 -5.66 -0.42
N MET A 298 -13.30 -6.31 0.19
CA MET A 298 -14.72 -5.88 0.23
C MET A 298 -15.14 -5.51 1.66
N TRP A 299 -14.27 -5.74 2.64
CA TRP A 299 -14.61 -5.50 4.06
C TRP A 299 -13.34 -5.24 4.84
N TYR A 300 -13.50 -4.71 6.04
CA TYR A 300 -12.41 -4.33 6.95
C TYR A 300 -12.97 -4.45 8.36
N TRP A 301 -12.12 -4.78 9.31
CA TRP A 301 -12.51 -4.91 10.72
C TRP A 301 -12.25 -3.61 11.49
N VAL A 302 -13.21 -3.24 12.32
CA VAL A 302 -13.05 -2.30 13.44
C VAL A 302 -13.29 -3.12 14.69
N VAL A 303 -12.21 -3.43 15.41
CA VAL A 303 -12.26 -4.14 16.71
C VAL A 303 -12.22 -3.06 17.77
N GLU A 304 -13.10 -3.14 18.75
CA GLU A 304 -13.04 -2.29 19.95
C GLU A 304 -12.09 -3.02 20.88
N ARG A 305 -11.01 -2.37 21.30
CA ARG A 305 -9.99 -2.97 22.20
C ARG A 305 -10.64 -3.47 23.50
N SER A 306 -11.77 -2.91 23.93
CA SER A 306 -12.51 -3.43 25.10
C SER A 306 -13.27 -4.72 24.77
N ALA A 307 -13.31 -5.21 23.51
CA ALA A 307 -14.09 -6.43 23.12
C ALA A 307 -13.83 -7.55 24.14
N GLN A 308 -14.92 -8.13 24.70
CA GLN A 308 -14.87 -9.15 25.79
C GLN A 308 -14.01 -10.34 25.31
N GLU A 309 -13.63 -11.20 26.25
CA GLU A 309 -12.36 -11.96 26.23
C GLU A 309 -12.36 -13.01 25.10
N ASN A 310 -13.29 -12.93 24.12
CA ASN A 310 -13.72 -14.13 23.34
C ASN A 310 -14.80 -13.82 22.28
N ALA A 311 -15.05 -12.55 21.93
CA ALA A 311 -16.11 -12.11 21.00
C ALA A 311 -15.75 -12.47 19.55
N SER A 312 -16.71 -12.41 18.64
CA SER A 312 -16.46 -12.52 17.18
C SER A 312 -16.54 -11.10 16.60
N ASN A 313 -15.43 -10.50 16.22
CA ASN A 313 -15.44 -9.08 15.76
C ASN A 313 -15.82 -9.12 14.28
N LYS A 314 -16.96 -8.53 13.95
CA LYS A 314 -17.60 -8.54 12.61
C LYS A 314 -16.92 -7.46 11.77
N PRO A 315 -16.65 -7.78 10.48
CA PRO A 315 -16.12 -6.80 9.56
C PRO A 315 -17.25 -5.97 8.98
N THR A 316 -16.92 -4.77 8.52
CA THR A 316 -17.82 -3.80 7.86
C THR A 316 -17.62 -3.94 6.35
N TRP A 317 -18.71 -4.00 5.56
CA TRP A 317 -18.60 -4.01 4.08
C TRP A 317 -18.23 -2.61 3.62
N PHE A 318 -17.31 -2.50 2.65
CA PHE A 318 -17.03 -1.25 1.90
C PHE A 318 -18.30 -0.79 1.16
N ALA A 319 -19.13 -1.73 0.70
CA ALA A 319 -20.43 -1.45 0.02
C ALA A 319 -21.39 -0.72 0.96
N ASN A 320 -21.13 -0.76 2.26
CA ASN A 320 -21.94 0.00 3.26
C ASN A 320 -21.17 1.23 3.73
N THR A 321 -19.95 1.46 3.22
CA THR A 321 -19.07 2.55 3.70
C THR A 321 -19.04 3.68 2.66
N ASN A 322 -19.87 4.70 2.86
CA ASN A 322 -19.96 5.87 1.94
C ASN A 322 -18.71 6.71 2.19
N LEU A 323 -17.87 6.91 1.18
CA LEU A 323 -16.78 7.90 1.15
C LEU A 323 -17.26 9.23 0.56
N ASP A 324 -16.62 10.32 0.96
CA ASP A 324 -16.56 11.59 0.20
C ASP A 324 -15.46 11.38 -0.85
N TRP A 325 -15.88 11.35 -2.12
CA TRP A 325 -15.02 11.29 -3.32
C TRP A 325 -14.52 12.68 -3.72
N GLY A 326 -14.91 13.74 -3.00
CA GLY A 326 -14.41 15.12 -3.24
C GLY A 326 -15.54 16.05 -3.66
N GLU A 327 -16.44 15.55 -4.50
CA GLU A 327 -17.76 16.15 -4.81
C GLU A 327 -18.80 15.01 -4.82
N ASP A 328 -20.09 15.31 -4.63
CA ASP A 328 -21.20 14.31 -4.73
C ASP A 328 -21.14 13.71 -6.14
N LYS A 329 -20.83 14.54 -7.14
CA LYS A 329 -20.78 14.11 -8.56
C LYS A 329 -19.72 13.01 -8.76
N GLN A 330 -18.53 13.12 -8.16
CA GLN A 330 -17.47 12.11 -8.35
C GLN A 330 -17.99 10.79 -7.80
N LYS A 331 -18.79 10.82 -6.73
CA LYS A 331 -19.46 9.61 -6.18
C LYS A 331 -20.48 9.09 -7.21
N GLN A 332 -21.25 9.96 -7.84
CA GLN A 332 -22.35 9.50 -8.76
C GLN A 332 -21.74 8.67 -9.93
N PHE A 333 -20.61 9.26 -10.51
CA PHE A 333 -19.86 8.59 -11.62
C PHE A 333 -19.58 7.13 -11.23
N VAL A 334 -19.02 6.91 -10.04
CA VAL A 334 -18.67 5.54 -9.60
C VAL A 334 -19.99 4.79 -9.44
N GLU A 335 -20.93 5.30 -8.66
CA GLU A 335 -22.19 4.58 -8.35
C GLU A 335 -22.99 4.28 -9.65
N ASN A 336 -23.00 5.19 -10.63
CA ASN A 336 -23.82 4.96 -11.86
C ASN A 336 -23.24 3.82 -12.67
N GLN A 337 -21.91 3.59 -12.66
CA GLN A 337 -21.34 2.53 -13.51
C GLN A 337 -21.29 1.22 -12.71
N LEU A 338 -21.72 1.19 -11.44
CA LEU A 338 -21.79 -0.07 -10.66
C LEU A 338 -22.83 -1.00 -11.27
N GLY A 339 -23.96 -0.46 -11.79
CA GLY A 339 -24.99 -1.23 -12.52
C GLY A 339 -26.30 -0.51 -12.75
N TYR A 340 -27.25 -1.20 -13.37
CA TYR A 340 -28.64 -0.71 -13.65
C TYR A 340 -29.42 -0.58 -12.34
N LYS A 341 -29.90 0.62 -11.98
CA LYS A 341 -30.98 0.82 -10.96
C LYS A 341 -32.35 0.85 -11.66
N GLU A 342 -33.42 0.29 -11.08
CA GLU A 342 -34.81 0.34 -11.67
C GLU A 342 -35.89 -0.19 -10.72
N THR A 343 -36.92 0.62 -10.44
CA THR A 343 -38.16 0.16 -9.75
C THR A 343 -38.83 -0.90 -10.63
N THR A 344 -38.65 -0.82 -11.96
CA THR A 344 -39.41 -1.60 -12.98
C THR A 344 -38.89 -3.04 -13.13
N SER A 345 -37.57 -3.31 -13.11
CA SER A 345 -37.02 -4.66 -13.42
C SER A 345 -37.08 -5.60 -12.20
N THR A 346 -36.94 -6.90 -12.49
CA THR A 346 -37.21 -8.07 -11.63
C THR A 346 -35.92 -8.89 -11.54
N ASN A 347 -35.58 -9.38 -10.34
CA ASN A 347 -34.45 -10.31 -10.12
C ASN A 347 -33.17 -9.80 -10.82
N SER A 348 -33.04 -8.48 -11.09
CA SER A 348 -31.85 -7.84 -11.73
C SER A 348 -30.99 -7.13 -10.67
N HIS A 349 -30.29 -7.91 -9.84
CA HIS A 349 -29.67 -7.43 -8.57
C HIS A 349 -28.17 -7.21 -8.71
N ASN A 350 -27.73 -5.96 -8.57
CA ASN A 350 -26.33 -5.47 -8.58
C ASN A 350 -26.14 -4.47 -7.41
N PHE A 351 -24.92 -4.03 -7.09
CA PHE A 351 -24.67 -3.12 -5.94
C PHE A 351 -25.45 -1.81 -6.07
N HIS A 352 -25.50 -1.26 -7.29
CA HIS A 352 -26.22 0.02 -7.57
C HIS A 352 -27.72 -0.15 -7.31
N SER A 353 -28.30 -1.24 -7.84
CA SER A 353 -29.77 -1.48 -7.78
C SER A 353 -30.18 -1.69 -6.32
N LYS A 354 -29.26 -2.15 -5.46
CA LYS A 354 -29.63 -2.43 -4.04
C LYS A 354 -29.17 -1.26 -3.15
N SER A 355 -28.87 -0.10 -3.75
CA SER A 355 -28.48 1.17 -3.06
C SER A 355 -27.19 1.00 -2.24
N PHE A 356 -26.29 0.09 -2.62
CA PHE A 356 -24.90 -0.02 -2.06
C PHE A 356 -23.98 0.96 -2.77
N THR A 357 -22.81 1.20 -2.22
CA THR A 357 -21.80 2.09 -2.88
C THR A 357 -20.61 1.23 -3.30
N GLN A 358 -19.54 1.87 -3.78
CA GLN A 358 -18.28 1.22 -4.24
C GLN A 358 -17.94 0.08 -3.29
N PRO A 359 -17.95 -1.17 -3.80
CA PRO A 359 -17.85 -2.35 -2.94
C PRO A 359 -16.44 -2.90 -2.69
N ALA A 360 -15.41 -2.42 -3.39
CA ALA A 360 -14.05 -3.03 -3.30
C ALA A 360 -12.93 -2.00 -3.47
N TYR A 361 -11.84 -2.15 -2.72
CA TYR A 361 -10.61 -1.35 -2.88
C TYR A 361 -9.39 -2.26 -2.87
N LEU A 362 -8.37 -1.87 -3.64
CA LEU A 362 -6.97 -2.35 -3.54
C LEU A 362 -6.24 -1.41 -2.58
N ILE A 363 -6.30 -1.79 -1.30
CA ILE A 363 -5.87 -0.97 -0.13
C ILE A 363 -4.32 -0.94 -0.12
N SER A 364 -3.76 0.27 -0.01
CA SER A 364 -2.30 0.54 0.00
C SER A 364 -1.73 0.10 1.33
N GLY A 365 -2.51 0.27 2.40
CA GLY A 365 -2.11 0.06 3.78
C GLY A 365 -2.91 0.95 4.70
N ILE A 366 -2.61 0.89 5.98
CA ILE A 366 -3.37 1.58 7.03
C ILE A 366 -2.38 1.95 8.15
N ASP A 367 -2.53 3.12 8.75
CA ASP A 367 -1.65 3.53 9.87
C ASP A 367 -2.48 4.39 10.84
N SER A 368 -1.93 4.68 12.01
CA SER A 368 -2.55 5.58 12.99
C SER A 368 -1.55 6.65 13.42
N VAL A 369 -2.04 7.87 13.53
CA VAL A 369 -1.35 9.05 14.12
C VAL A 369 -2.34 9.63 15.12
N ASN A 370 -1.91 9.84 16.35
CA ASN A 370 -2.81 10.43 17.39
C ASN A 370 -3.96 9.43 17.49
N ASP A 371 -5.20 9.82 17.42
CA ASP A 371 -6.22 8.75 17.59
C ASP A 371 -6.98 8.59 16.28
N GLN A 372 -6.24 8.73 15.18
CA GLN A 372 -6.83 8.75 13.84
C GLN A 372 -6.26 7.60 13.04
N ILE A 373 -7.12 6.95 12.25
CA ILE A 373 -6.71 5.96 11.21
C ILE A 373 -6.56 6.67 9.87
N ILE A 374 -5.45 6.38 9.19
CA ILE A 374 -5.17 6.88 7.82
C ILE A 374 -5.11 5.68 6.88
N PHE A 375 -5.87 5.75 5.79
CA PHE A 375 -5.87 4.75 4.70
C PHE A 375 -5.78 5.43 3.33
N SER A 376 -5.47 4.61 2.36
CA SER A 376 -5.35 4.94 0.93
C SER A 376 -5.48 3.63 0.16
N GLY A 377 -5.88 3.74 -1.09
CA GLY A 377 -5.99 2.56 -1.96
C GLY A 377 -6.41 2.97 -3.34
N PHE A 378 -6.58 2.00 -4.22
CA PHE A 378 -7.20 2.26 -5.53
C PHE A 378 -8.60 1.71 -5.47
N LYS A 379 -9.55 2.47 -6.00
CA LYS A 379 -10.90 1.93 -6.33
C LYS A 379 -10.69 0.72 -7.25
N ALA A 380 -11.17 -0.45 -6.85
CA ALA A 380 -11.20 -1.61 -7.75
C ALA A 380 -12.35 -1.39 -8.75
N GLY A 381 -12.13 -1.66 -10.03
CA GLY A 381 -13.18 -1.54 -11.03
C GLY A 381 -14.37 -2.38 -10.65
N SER A 382 -15.56 -1.77 -10.62
CA SER A 382 -16.83 -2.51 -10.45
C SER A 382 -17.88 -1.94 -11.40
N VAL A 383 -18.45 -2.83 -12.20
CA VAL A 383 -19.49 -2.49 -13.20
C VAL A 383 -20.56 -3.57 -13.22
N GLY A 384 -21.71 -3.26 -13.83
CA GLY A 384 -22.74 -4.27 -14.10
C GLY A 384 -22.31 -5.15 -15.23
N TYR A 385 -22.78 -6.39 -15.25
CA TYR A 385 -22.74 -7.26 -16.45
C TYR A 385 -24.11 -7.90 -16.68
N ASP A 386 -24.37 -8.30 -17.92
CA ASP A 386 -25.67 -8.84 -18.42
C ASP A 386 -25.60 -10.38 -18.43
N SER A 387 -26.23 -11.04 -17.45
CA SER A 387 -26.15 -12.51 -17.25
C SER A 387 -27.41 -13.19 -17.81
N SER A 388 -28.16 -12.52 -18.69
CA SER A 388 -29.41 -13.01 -19.34
C SER A 388 -29.17 -14.37 -20.03
N SER A 389 -30.23 -15.16 -20.16
CA SER A 389 -30.20 -16.48 -20.85
C SER A 389 -31.41 -16.64 -21.78
N SER A 390 -31.17 -16.72 -23.10
CA SER A 390 -32.14 -17.12 -24.14
C SER A 390 -31.40 -17.69 -25.36
N SER A 395 -32.94 -12.72 -26.84
CA SER A 395 -32.09 -12.15 -27.92
C SER A 395 -31.33 -10.92 -27.41
N SER A 396 -31.17 -10.78 -26.08
CA SER A 396 -30.46 -9.67 -25.39
C SER A 396 -29.17 -9.34 -26.16
N SER A 397 -28.99 -8.09 -26.64
CA SER A 397 -27.82 -7.68 -27.48
C SER A 397 -26.53 -7.63 -26.63
N THR A 398 -26.62 -7.16 -25.38
CA THR A 398 -25.42 -7.01 -24.50
C THR A 398 -25.17 -8.30 -23.73
N LYS A 399 -25.51 -9.46 -24.29
CA LYS A 399 -25.48 -10.72 -23.50
C LYS A 399 -24.03 -11.00 -23.16
N ASP A 400 -23.78 -11.51 -21.96
CA ASP A 400 -22.42 -11.93 -21.52
C ASP A 400 -21.44 -10.74 -21.68
N GLN A 401 -21.94 -9.51 -21.66
CA GLN A 401 -21.13 -8.29 -21.83
C GLN A 401 -21.17 -7.52 -20.51
N ALA A 402 -20.01 -7.04 -20.10
CA ALA A 402 -19.85 -6.02 -19.04
C ALA A 402 -20.28 -4.66 -19.60
N LEU A 403 -20.90 -3.85 -18.76
CA LEU A 403 -21.38 -2.48 -19.08
C LEU A 403 -20.47 -1.47 -18.39
N ALA A 404 -19.55 -0.88 -19.17
CA ALA A 404 -18.49 0.03 -18.72
C ALA A 404 -18.18 1.03 -19.83
N TRP A 405 -17.71 2.25 -19.47
CA TRP A 405 -17.47 3.30 -20.48
C TRP A 405 -16.51 4.33 -19.89
N SER A 406 -15.64 4.90 -20.74
CA SER A 406 -14.77 6.06 -20.36
C SER A 406 -15.67 7.16 -19.77
N THR A 407 -15.20 7.79 -18.72
CA THR A 407 -15.90 8.89 -18.04
C THR A 407 -14.97 10.11 -18.06
N THR A 408 -14.09 10.17 -19.06
CA THR A 408 -13.03 11.20 -19.13
C THR A 408 -13.65 12.51 -19.63
N THR A 409 -13.48 13.56 -18.82
CA THR A 409 -13.89 14.99 -19.04
C THR A 409 -13.65 15.42 -20.48
N SER A 410 -14.67 16.04 -21.10
CA SER A 410 -14.65 16.61 -22.47
C SER A 410 -13.60 17.72 -22.56
N LEU A 411 -13.18 18.06 -23.80
CA LEU A 411 -12.17 19.10 -24.13
C LEU A 411 -12.68 20.50 -23.76
N ASP A 412 -13.99 20.76 -23.91
CA ASP A 412 -14.59 22.12 -23.73
C ASP A 412 -14.72 22.46 -22.24
N SER A 413 -14.46 21.53 -21.33
CA SER A 413 -14.66 21.72 -19.87
C SER A 413 -13.90 22.96 -19.39
N LYS A 414 -14.55 23.75 -18.52
CA LYS A 414 -13.92 24.75 -17.62
C LYS A 414 -12.69 24.10 -16.94
N THR A 415 -11.51 24.64 -17.18
CA THR A 415 -10.22 24.07 -16.72
C THR A 415 -9.87 24.74 -15.39
N GLY A 416 -9.67 23.95 -14.34
CA GLY A 416 -9.88 24.32 -12.92
C GLY A 416 -10.56 23.16 -12.25
N TYR A 417 -9.95 22.57 -11.21
CA TYR A 417 -10.11 21.14 -10.82
C TYR A 417 -11.58 20.80 -10.60
N LYS A 418 -12.22 21.46 -9.62
CA LYS A 418 -13.68 21.48 -9.35
C LYS A 418 -14.44 21.22 -10.64
N ASP A 419 -14.20 22.07 -11.63
CA ASP A 419 -14.96 22.05 -12.89
C ASP A 419 -14.55 20.79 -13.66
N LEU A 420 -13.26 20.44 -13.74
CA LEU A 420 -12.81 19.24 -14.51
C LEU A 420 -13.49 17.98 -13.94
N VAL A 421 -13.52 17.85 -12.62
CA VAL A 421 -13.98 16.59 -11.96
C VAL A 421 -15.52 16.57 -11.82
N THR A 422 -16.21 17.71 -11.88
CA THR A 422 -17.70 17.74 -11.85
C THR A 422 -18.28 17.88 -13.26
N ASN A 423 -17.50 17.68 -14.30
CA ASN A 423 -18.00 17.83 -15.69
C ASN A 423 -18.96 16.66 -15.96
N ASP A 424 -20.07 16.93 -16.61
CA ASP A 424 -21.22 16.00 -16.78
C ASP A 424 -20.87 14.88 -17.76
N THR A 425 -19.72 14.96 -18.46
CA THR A 425 -19.34 14.04 -19.57
C THR A 425 -19.30 12.58 -19.07
N GLY A 426 -20.09 11.72 -19.72
CA GLY A 426 -20.27 10.27 -19.47
C GLY A 426 -20.88 9.90 -18.10
N LEU A 427 -21.62 10.82 -17.44
CA LEU A 427 -22.12 10.61 -16.04
C LEU A 427 -23.05 9.39 -15.98
N ASN A 428 -24.06 9.31 -16.86
CA ASN A 428 -25.17 8.32 -16.75
C ASN A 428 -24.95 7.16 -17.76
N GLY A 429 -24.02 7.35 -18.76
CA GLY A 429 -23.65 6.31 -19.76
C GLY A 429 -22.66 6.88 -20.81
N PRO A 430 -22.27 5.94 -21.79
CA PRO A 430 -21.17 6.11 -22.78
C PRO A 430 -21.25 7.44 -23.56
N ILE A 431 -20.09 7.93 -24.02
CA ILE A 431 -19.94 9.29 -24.66
C ILE A 431 -18.62 9.35 -25.45
N ASN A 432 -17.52 8.74 -24.98
CA ASN A 432 -16.19 8.84 -25.65
C ASN A 432 -15.95 7.63 -26.59
N GLY A 433 -15.07 7.82 -27.58
CA GLY A 433 -14.55 6.75 -28.47
C GLY A 433 -13.43 7.28 -29.35
N SER A 434 -13.80 7.95 -30.45
CA SER A 434 -12.91 8.66 -31.40
C SER A 434 -13.70 9.69 -32.20
N PHE A 435 -13.06 10.83 -32.48
CA PHE A 435 -13.66 12.04 -33.08
C PHE A 435 -12.58 12.78 -33.87
N SER A 436 -12.81 13.02 -35.16
CA SER A 436 -11.95 13.92 -35.96
C SER A 436 -12.64 15.30 -36.04
N ILE A 437 -12.16 16.26 -35.24
CA ILE A 437 -12.52 17.72 -35.32
C ILE A 437 -11.52 18.39 -36.29
N GLN A 438 -12.04 19.18 -37.24
CA GLN A 438 -11.26 19.92 -38.26
C GLN A 438 -10.57 18.92 -39.20
N ASP A 439 -9.24 18.79 -39.10
CA ASP A 439 -8.40 17.74 -39.76
C ASP A 439 -7.44 17.19 -38.69
N THR A 440 -7.88 17.14 -37.42
CA THR A 440 -7.14 16.52 -36.28
C THR A 440 -8.08 15.53 -35.56
N PHE A 441 -7.76 15.09 -34.34
CA PHE A 441 -8.33 13.85 -33.75
C PHE A 441 -8.40 13.93 -32.22
N SER A 442 -9.33 13.17 -31.63
CA SER A 442 -9.53 13.05 -30.16
C SER A 442 -10.29 11.76 -29.82
N PHE A 443 -9.92 11.11 -28.72
CA PHE A 443 -10.70 10.02 -28.09
C PHE A 443 -11.83 10.63 -27.26
N VAL A 444 -11.60 11.85 -26.77
CA VAL A 444 -12.47 12.58 -25.81
C VAL A 444 -13.50 13.39 -26.60
N VAL A 445 -14.75 13.41 -26.12
CA VAL A 445 -15.87 14.19 -26.73
C VAL A 445 -15.47 15.65 -26.66
N PRO A 446 -15.59 16.41 -27.78
CA PRO A 446 -15.01 17.74 -27.87
C PRO A 446 -15.85 18.84 -27.16
N TYR A 447 -17.07 18.46 -26.70
CA TYR A 447 -18.00 19.41 -26.02
C TYR A 447 -18.93 18.72 -25.01
N SER A 448 -19.32 19.56 -24.03
CA SER A 448 -20.28 19.34 -22.92
C SER A 448 -21.08 20.64 -22.75
N THR A 456 -25.68 23.10 -31.79
CA THR A 456 -26.44 22.18 -30.90
C THR A 456 -27.88 22.71 -30.78
N THR A 457 -28.70 22.11 -29.89
CA THR A 457 -30.14 22.45 -29.65
C THR A 457 -30.51 22.25 -28.17
N GLY A 458 -29.54 22.32 -27.24
CA GLY A 458 -29.74 22.11 -25.79
C GLY A 458 -28.70 21.20 -25.16
N PRO A 459 -28.96 20.66 -23.94
CA PRO A 459 -27.95 19.92 -23.19
C PRO A 459 -27.77 18.45 -23.60
N ILE A 460 -26.51 18.02 -23.71
CA ILE A 460 -26.08 16.66 -24.16
C ILE A 460 -26.47 15.65 -23.07
N LYS A 461 -27.06 14.51 -23.45
CA LYS A 461 -27.62 13.51 -22.49
C LYS A 461 -26.84 12.20 -22.56
N THR A 462 -26.62 11.57 -21.39
CA THR A 462 -26.12 10.17 -21.31
C THR A 462 -27.15 9.30 -20.57
N ALA A 463 -27.19 8.04 -21.04
CA ALA A 463 -28.12 6.97 -20.62
C ALA A 463 -27.33 5.65 -20.49
N TYR A 464 -27.78 4.84 -19.52
CA TYR A 464 -27.28 3.48 -19.20
C TYR A 464 -27.59 2.54 -20.37
N PRO A 465 -26.60 1.72 -20.82
CA PRO A 465 -26.77 0.89 -22.02
C PRO A 465 -27.65 -0.37 -21.79
N VAL A 466 -28.85 -0.15 -21.27
CA VAL A 466 -29.99 -1.10 -21.37
C VAL A 466 -31.12 -0.39 -22.13
N LYS A 467 -31.51 -0.93 -23.29
CA LYS A 467 -32.56 -0.38 -24.20
C LYS A 467 -33.92 -0.46 -23.49
N LYS A 468 -34.72 0.62 -23.56
CA LYS A 468 -36.10 0.79 -23.00
C LYS A 468 -36.97 -0.50 -22.98
N ASP A 469 -36.98 -1.33 -24.05
CA ASP A 469 -37.85 -2.56 -24.16
C ASP A 469 -37.43 -3.62 -23.16
N GLN A 470 -36.13 -3.94 -23.16
CA GLN A 470 -35.49 -4.99 -22.32
C GLN A 470 -35.35 -4.46 -20.86
N LYS A 471 -35.87 -3.27 -20.54
CA LYS A 471 -35.75 -2.59 -19.21
C LYS A 471 -36.25 -3.49 -18.07
N SER A 472 -37.33 -4.25 -18.29
CA SER A 472 -38.07 -5.04 -17.26
C SER A 472 -37.70 -6.54 -17.35
N THR A 473 -37.07 -6.98 -18.46
CA THR A 473 -36.69 -8.40 -18.73
C THR A 473 -35.21 -8.65 -18.35
N VAL A 474 -34.33 -7.64 -18.38
CA VAL A 474 -32.85 -7.85 -18.42
C VAL A 474 -32.33 -8.19 -17.02
N LYS A 475 -31.21 -8.93 -16.95
CA LYS A 475 -30.55 -9.34 -15.68
C LYS A 475 -29.14 -8.69 -15.58
N ILE A 476 -29.05 -7.52 -14.93
CA ILE A 476 -27.75 -6.80 -14.77
C ILE A 476 -27.19 -7.02 -13.36
N ASN A 477 -26.15 -7.84 -13.29
CA ASN A 477 -25.47 -8.20 -12.02
C ASN A 477 -24.10 -7.50 -11.95
N SER A 478 -23.47 -7.58 -10.79
CA SER A 478 -22.22 -6.83 -10.46
C SER A 478 -20.99 -7.71 -10.66
N LEU A 479 -19.91 -7.13 -11.19
CA LEU A 479 -18.57 -7.76 -11.17
C LEU A 479 -17.58 -6.82 -10.50
N ILE A 480 -16.47 -7.41 -10.07
CA ILE A 480 -15.28 -6.69 -9.50
C ILE A 480 -14.03 -7.10 -10.28
N ASN A 481 -13.31 -6.12 -10.85
CA ASN A 481 -12.01 -6.30 -11.56
C ASN A 481 -10.85 -6.43 -10.56
N ALA A 482 -9.73 -6.94 -11.05
CA ALA A 482 -8.53 -7.30 -10.28
C ALA A 482 -7.57 -6.10 -10.19
N THR A 483 -7.94 -4.99 -10.87
CA THR A 483 -7.15 -3.76 -11.09
C THR A 483 -8.03 -2.54 -10.91
N PRO A 484 -7.46 -1.31 -10.94
CA PRO A 484 -8.25 -0.09 -10.87
C PRO A 484 -8.92 0.36 -12.17
N LEU A 485 -8.96 -0.47 -13.21
CA LEU A 485 -9.67 -0.13 -14.47
C LEU A 485 -11.10 -0.67 -14.38
N ASN A 486 -12.09 0.18 -14.67
CA ASN A 486 -13.49 -0.23 -14.94
C ASN A 486 -13.52 -0.92 -16.30
N SER A 487 -12.96 -0.26 -17.31
CA SER A 487 -13.21 -0.55 -18.75
C SER A 487 -11.99 -1.21 -19.41
N TYR A 488 -12.11 -2.51 -19.73
CA TYR A 488 -11.03 -3.33 -20.35
C TYR A 488 -11.12 -3.34 -21.89
N GLY A 489 -12.14 -2.68 -22.46
CA GLY A 489 -12.40 -2.72 -23.90
C GLY A 489 -11.22 -2.25 -24.70
N ASP A 490 -10.86 -3.03 -25.72
CA ASP A 490 -9.61 -2.92 -26.54
C ASP A 490 -9.76 -1.80 -27.60
N GLU A 491 -9.92 -0.56 -27.13
CA GLU A 491 -10.02 0.67 -27.96
C GLU A 491 -9.02 1.69 -27.43
N GLY A 492 -8.58 2.61 -28.29
CA GLY A 492 -7.66 3.74 -28.06
C GLY A 492 -7.89 4.43 -26.74
N ILE A 493 -9.13 4.81 -26.44
CA ILE A 493 -9.50 5.63 -25.26
C ILE A 493 -9.00 4.93 -23.99
N GLY A 494 -9.14 3.60 -23.93
CA GLY A 494 -8.76 2.81 -22.74
C GLY A 494 -7.29 2.99 -22.39
N VAL A 495 -6.42 2.88 -23.40
CA VAL A 495 -4.97 3.18 -23.24
C VAL A 495 -4.81 4.61 -22.69
N PHE A 496 -5.44 5.61 -23.31
CA PHE A 496 -5.26 7.02 -22.92
C PHE A 496 -5.84 7.27 -21.52
N ASP A 497 -6.93 6.59 -21.15
CA ASP A 497 -7.54 6.70 -19.80
C ASP A 497 -6.52 6.13 -18.79
N ALA A 498 -5.90 4.98 -19.10
CA ALA A 498 -5.05 4.22 -18.14
C ALA A 498 -3.71 4.93 -17.98
N LEU A 499 -3.21 5.57 -19.03
CA LEU A 499 -1.85 6.17 -19.10
C LEU A 499 -1.88 7.69 -18.89
N GLY A 500 -3.02 8.34 -18.73
CA GLY A 500 -3.04 9.78 -18.43
C GLY A 500 -2.69 10.62 -19.65
N LEU A 501 -3.13 10.22 -20.84
CA LEU A 501 -2.69 10.86 -22.11
C LEU A 501 -3.77 11.77 -22.72
N ASN A 502 -4.96 11.85 -22.11
CA ASN A 502 -6.09 12.66 -22.63
C ASN A 502 -5.85 14.13 -22.25
N TYR A 503 -5.58 15.00 -23.23
CA TYR A 503 -5.27 16.43 -22.99
C TYR A 503 -6.26 17.30 -23.76
N ASN A 504 -6.66 18.45 -23.18
CA ASN A 504 -7.41 19.55 -23.86
C ASN A 504 -6.45 20.23 -24.83
N PHE A 505 -6.98 21.13 -25.66
CA PHE A 505 -6.24 21.85 -26.73
C PHE A 505 -6.14 23.33 -26.39
N LYS A 506 -6.19 23.67 -25.11
CA LYS A 506 -6.37 25.06 -24.64
C LYS A 506 -5.01 25.69 -24.30
N SER A 507 -5.05 26.99 -24.03
CA SER A 507 -3.98 27.79 -23.39
C SER A 507 -2.97 26.85 -22.69
N ASN A 508 -3.14 26.57 -21.39
CA ASN A 508 -2.09 25.90 -20.56
C ASN A 508 -2.22 24.38 -20.63
N GLN A 509 -3.04 23.84 -21.55
CA GLN A 509 -3.06 22.40 -21.93
C GLN A 509 -3.20 21.51 -20.69
N GLU A 510 -4.33 21.54 -19.99
CA GLU A 510 -4.54 20.75 -18.74
C GLU A 510 -5.02 19.33 -19.10
N ARG A 511 -4.65 18.35 -18.28
CA ARG A 511 -4.92 16.90 -18.52
C ARG A 511 -6.33 16.58 -18.06
N LEU A 512 -7.09 15.86 -18.89
CA LEU A 512 -8.51 15.52 -18.65
C LEU A 512 -8.60 14.17 -17.94
N PRO A 513 -9.23 14.16 -16.75
CA PRO A 513 -9.28 12.97 -15.91
C PRO A 513 -10.47 12.04 -16.17
N SER A 514 -10.28 10.73 -15.99
CA SER A 514 -11.35 9.75 -15.68
C SER A 514 -11.85 10.02 -14.26
N ARG A 515 -13.07 9.58 -13.93
CA ARG A 515 -13.51 9.41 -12.51
C ARG A 515 -14.06 8.00 -12.29
N THR A 516 -13.80 7.07 -13.22
CA THR A 516 -14.09 5.63 -13.05
C THR A 516 -12.82 4.77 -13.19
N ASP A 517 -11.76 5.23 -13.85
CA ASP A 517 -10.58 4.37 -14.17
C ASP A 517 -9.36 4.91 -13.42
N GLN A 518 -8.68 4.08 -12.63
CA GLN A 518 -7.36 4.49 -12.08
C GLN A 518 -7.61 5.55 -10.99
N ILE A 519 -8.69 5.39 -10.21
CA ILE A 519 -9.06 6.40 -9.16
C ILE A 519 -8.42 6.02 -7.83
N PHE A 520 -7.59 6.90 -7.30
CA PHE A 520 -6.96 6.69 -5.98
C PHE A 520 -7.84 7.34 -4.93
N VAL A 521 -7.91 6.70 -3.78
CA VAL A 521 -8.77 7.05 -2.63
C VAL A 521 -7.89 7.14 -1.37
N TYR A 522 -8.13 8.14 -0.52
CA TYR A 522 -7.39 8.29 0.76
C TYR A 522 -8.29 8.96 1.77
N GLY A 523 -7.95 8.83 3.05
CA GLY A 523 -8.70 9.57 4.08
C GLY A 523 -8.10 9.43 5.45
N ILE A 524 -8.66 10.19 6.38
CA ILE A 524 -8.38 10.08 7.83
C ILE A 524 -9.72 9.78 8.50
N VAL A 525 -9.75 8.81 9.40
CA VAL A 525 -11.01 8.27 9.97
C VAL A 525 -10.98 8.49 11.48
N SER A 526 -11.97 9.22 12.00
CA SER A 526 -12.02 9.59 13.44
C SER A 526 -12.54 8.41 14.25
N PRO A 527 -12.34 8.38 15.57
CA PRO A 527 -12.91 7.32 16.40
C PRO A 527 -14.45 7.19 16.35
N ASN A 528 -15.20 8.27 16.14
CA ASN A 528 -16.69 8.20 15.95
C ASN A 528 -17.02 7.49 14.64
N GLU A 529 -16.26 7.81 13.59
CA GLU A 529 -16.42 7.22 12.23
C GLU A 529 -16.10 5.72 12.30
N LEU A 530 -15.14 5.32 13.12
CA LEU A 530 -14.79 3.88 13.30
C LEU A 530 -15.90 3.22 14.10
N ARG A 531 -16.50 3.95 15.04
CA ARG A 531 -17.65 3.45 15.83
C ARG A 531 -18.85 3.19 14.91
N SER A 532 -19.17 4.04 13.92
CA SER A 532 -20.35 3.74 13.02
C SER A 532 -20.02 2.50 12.21
N ALA A 533 -18.76 2.29 11.82
CA ALA A 533 -18.41 1.14 10.98
C ALA A 533 -18.65 -0.13 11.80
N LYS A 534 -18.30 -0.07 13.07
CA LYS A 534 -18.50 -1.24 13.96
C LYS A 534 -20.01 -1.48 14.08
N SER A 535 -20.79 -0.40 14.14
CA SER A 535 -22.27 -0.45 14.25
C SER A 535 -22.82 -1.02 12.94
N SER A 536 -22.32 -0.62 11.77
CA SER A 536 -22.68 -1.21 10.46
C SER A 536 -22.42 -2.73 10.45
N ALA A 537 -21.29 -3.16 10.94
CA ALA A 537 -20.82 -4.57 10.94
C ALA A 537 -21.71 -5.39 11.89
N ASP A 538 -22.28 -4.77 12.94
CA ASP A 538 -23.06 -5.49 13.98
C ASP A 538 -24.59 -5.36 13.73
N SER A 539 -25.02 -4.48 12.82
CA SER A 539 -26.43 -4.32 12.33
C SER A 539 -27.14 -5.67 12.38
N THR A 540 -28.20 -5.81 13.18
CA THR A 540 -29.18 -6.90 12.97
C THR A 540 -29.95 -6.53 11.66
N GLY A 541 -30.28 -7.65 10.92
CA GLY A 541 -31.30 -7.59 9.84
C GLY A 541 -30.78 -6.90 8.59
N SER A 542 -31.33 -5.71 8.28
CA SER A 542 -31.07 -4.90 7.05
C SER A 542 -29.75 -4.12 7.18
N ASP A 543 -29.14 -3.69 6.07
CA ASP A 543 -27.76 -3.11 6.12
C ASP A 543 -27.83 -1.71 6.73
N THR A 544 -27.03 -1.48 7.79
CA THR A 544 -26.68 -0.16 8.37
C THR A 544 -25.53 0.43 7.54
N LYS A 545 -25.39 1.77 7.51
CA LYS A 545 -24.40 2.53 6.70
C LYS A 545 -23.47 3.34 7.63
N VAL A 546 -22.19 3.43 7.25
CA VAL A 546 -21.16 4.38 7.78
C VAL A 546 -20.94 5.45 6.73
N ASN A 547 -20.86 6.71 7.16
CA ASN A 547 -20.29 7.84 6.38
C ASN A 547 -18.89 8.12 6.93
N TRP A 548 -17.86 8.13 6.08
CA TRP A 548 -16.51 8.67 6.35
C TRP A 548 -16.39 9.99 5.57
N SER A 549 -16.31 11.14 6.25
CA SER A 549 -16.36 12.48 5.60
C SER A 549 -14.97 13.14 5.46
N ASN A 550 -13.87 12.52 5.93
CA ASN A 550 -12.53 13.15 5.91
C ASN A 550 -11.71 12.39 4.85
N THR A 551 -12.30 12.21 3.66
CA THR A 551 -11.78 11.35 2.56
C THR A 551 -11.76 12.14 1.26
N GLN A 552 -11.01 11.67 0.27
CA GLN A 552 -10.92 12.27 -1.10
C GLN A 552 -10.60 11.16 -2.10
N SER A 553 -10.68 11.47 -3.39
CA SER A 553 -10.28 10.59 -4.50
C SER A 553 -9.42 11.42 -5.45
N ARG A 554 -8.72 10.78 -6.39
CA ARG A 554 -7.83 11.46 -7.34
C ARG A 554 -7.55 10.53 -8.51
N TYR A 555 -7.74 11.04 -9.72
CA TYR A 555 -7.34 10.31 -10.95
C TYR A 555 -5.83 10.14 -10.87
N LEU A 556 -5.34 8.90 -10.77
CA LEU A 556 -3.89 8.61 -10.63
C LEU A 556 -3.49 7.54 -11.65
N PRO A 557 -3.26 7.92 -12.92
CA PRO A 557 -2.87 6.95 -13.93
C PRO A 557 -1.42 6.49 -13.80
N VAL A 558 -1.06 5.42 -14.52
CA VAL A 558 0.32 4.87 -14.60
C VAL A 558 1.07 5.78 -15.55
N PRO A 559 2.38 5.98 -15.31
CA PRO A 559 3.18 6.88 -16.14
C PRO A 559 3.12 6.38 -17.60
N TYR A 560 2.89 7.30 -18.56
CA TYR A 560 2.83 6.92 -20.00
C TYR A 560 4.21 6.46 -20.44
N ASN A 561 5.27 6.96 -19.80
CA ASN A 561 6.65 6.62 -20.23
C ASN A 561 7.06 5.22 -19.71
N TYR A 562 6.16 4.44 -19.09
CA TYR A 562 6.34 2.97 -18.83
C TYR A 562 5.86 2.13 -20.02
N SER A 563 5.40 2.79 -21.09
CA SER A 563 5.06 2.11 -22.37
C SER A 563 5.89 2.72 -23.51
N GLU A 564 5.92 2.04 -24.64
CA GLU A 564 6.65 2.50 -25.84
C GLU A 564 5.67 2.61 -27.01
N GLY A 565 6.01 3.39 -28.03
CA GLY A 565 5.49 3.20 -29.42
C GLY A 565 4.00 3.52 -29.59
N ILE A 566 3.48 4.45 -28.78
CA ILE A 566 2.06 4.93 -28.81
C ILE A 566 1.88 5.90 -29.99
N ILE A 567 0.98 5.59 -30.94
CA ILE A 567 0.83 6.32 -32.24
C ILE A 567 -0.10 7.53 -32.03
N ASP A 568 -0.01 8.55 -32.92
CA ASP A 568 -0.89 9.76 -33.01
C ASP A 568 -0.54 10.57 -34.28
N ALA A 569 0.55 11.35 -34.26
CA ALA A 569 0.96 12.30 -35.33
C ALA A 569 1.40 11.54 -36.58
N SER A 581 -4.20 1.74 -36.95
CA SER A 581 -2.86 1.76 -36.34
C SER A 581 -2.91 2.33 -34.91
N VAL A 582 -4.07 2.88 -34.48
CA VAL A 582 -4.28 3.47 -33.12
C VAL A 582 -3.99 2.40 -32.04
N THR A 583 -3.07 2.61 -31.10
CA THR A 583 -2.68 1.49 -30.19
C THR A 583 -3.74 1.34 -29.07
N THR A 584 -4.11 0.08 -28.84
CA THR A 584 -5.07 -0.39 -27.81
C THR A 584 -4.33 -1.33 -26.84
N PHE A 585 -5.03 -1.96 -25.87
CA PHE A 585 -4.37 -2.71 -24.75
C PHE A 585 -3.67 -3.95 -25.32
N SER A 586 -4.25 -4.54 -26.37
CA SER A 586 -3.81 -5.80 -27.03
C SER A 586 -2.49 -5.61 -27.78
N GLY A 587 -2.10 -4.38 -28.10
CA GLY A 587 -0.84 -4.08 -28.85
C GLY A 587 0.08 -3.14 -28.06
N LEU A 588 -0.40 -2.61 -26.94
CA LEU A 588 0.40 -1.62 -26.18
C LEU A 588 1.63 -2.35 -25.62
N LYS A 589 2.78 -1.72 -25.78
CA LYS A 589 4.13 -2.25 -25.54
C LYS A 589 4.59 -1.72 -24.18
N SER A 590 4.67 -2.61 -23.19
CA SER A 590 5.23 -2.30 -21.84
C SER A 590 6.75 -2.32 -21.89
N ILE A 591 7.39 -1.31 -21.31
CA ILE A 591 8.83 -1.27 -20.95
C ILE A 591 8.91 -1.00 -19.45
N ALA A 592 7.91 -1.45 -18.70
CA ALA A 592 7.73 -1.04 -17.30
C ALA A 592 8.91 -1.59 -16.54
N PRO A 593 9.65 -0.75 -15.81
CA PRO A 593 10.87 -1.20 -15.15
C PRO A 593 10.61 -1.64 -13.70
N ASP A 594 9.36 -1.59 -13.23
CA ASP A 594 9.07 -1.72 -11.78
C ASP A 594 8.58 -3.11 -11.38
N GLY A 595 8.92 -4.18 -12.09
CA GLY A 595 8.62 -5.57 -11.68
C GLY A 595 7.34 -6.12 -12.33
N PHE A 596 6.50 -5.25 -12.86
CA PHE A 596 5.24 -5.66 -13.52
C PHE A 596 5.47 -5.80 -15.00
N ALA A 597 5.02 -6.90 -15.59
CA ALA A 597 5.03 -7.08 -17.04
C ALA A 597 4.07 -6.06 -17.69
N ASN A 598 3.04 -5.60 -16.98
CA ASN A 598 1.97 -4.74 -17.55
C ASN A 598 2.36 -3.27 -17.34
N SER A 599 1.90 -2.38 -18.22
CA SER A 599 2.11 -0.92 -18.14
C SER A 599 0.78 -0.15 -18.08
N ILE A 600 -0.32 -0.75 -17.61
CA ILE A 600 -1.65 -0.08 -17.66
C ILE A 600 -2.37 -0.04 -16.30
N ALA A 601 -2.13 -0.95 -15.40
CA ALA A 601 -2.89 -1.03 -14.14
C ALA A 601 -2.06 -0.39 -13.02
N ASN A 602 -2.58 0.58 -12.28
CA ASN A 602 -1.77 1.22 -11.22
C ASN A 602 -1.79 0.29 -10.03
N PHE A 603 -0.90 0.54 -9.09
CA PHE A 603 -0.61 -0.31 -7.91
C PHE A 603 -0.06 0.61 -6.84
N SER A 604 -0.26 0.28 -5.57
CA SER A 604 0.23 1.12 -4.47
C SER A 604 0.62 0.22 -3.32
N VAL A 605 1.54 0.69 -2.48
CA VAL A 605 2.02 -0.12 -1.34
C VAL A 605 2.62 0.76 -0.23
N GLY A 606 2.50 0.29 1.01
CA GLY A 606 3.26 0.83 2.16
C GLY A 606 2.82 2.22 2.57
N LEU A 607 1.54 2.42 2.79
CA LEU A 607 1.07 3.72 3.34
C LEU A 607 1.64 3.80 4.75
N LYS A 608 2.16 4.96 5.12
CA LYS A 608 2.81 5.15 6.44
C LYS A 608 2.71 6.61 6.84
N ALA A 609 2.30 6.83 8.07
CA ALA A 609 2.10 8.19 8.62
C ALA A 609 3.33 8.55 9.42
N GLY A 610 3.53 9.85 9.66
CA GLY A 610 4.54 10.29 10.64
C GLY A 610 4.35 11.71 11.09
N ILE A 611 4.72 11.95 12.33
CA ILE A 611 4.75 13.32 12.92
C ILE A 611 6.04 14.02 12.45
N ASP A 612 5.91 15.25 11.97
CA ASP A 612 7.03 16.12 11.54
C ASP A 612 7.77 16.54 12.81
N PRO A 613 9.10 16.31 12.91
CA PRO A 613 9.88 16.82 14.04
C PRO A 613 10.07 18.34 14.01
N ASN A 614 9.80 18.98 12.88
CA ASN A 614 10.07 20.43 12.68
C ASN A 614 9.04 21.17 13.51
N PRO A 615 9.46 22.00 14.48
CA PRO A 615 8.49 22.73 15.29
C PRO A 615 7.52 23.54 14.43
N VAL A 616 6.37 23.81 15.03
CA VAL A 616 5.30 24.68 14.49
C VAL A 616 5.21 25.89 15.42
N MET A 617 4.75 27.05 14.93
CA MET A 617 4.50 28.26 15.79
C MET A 617 3.61 27.84 16.97
N SER A 618 3.94 28.23 18.20
CA SER A 618 3.30 27.71 19.44
C SER A 618 1.81 28.10 19.50
N GLY A 619 1.01 27.31 20.21
CA GLY A 619 -0.45 27.36 20.18
C GLY A 619 -1.05 26.57 19.03
N LYS A 620 -0.22 26.08 18.09
CA LYS A 620 -0.65 25.13 17.04
C LYS A 620 -0.16 23.74 17.42
N LYS A 621 -0.71 22.69 16.82
CA LYS A 621 -0.40 21.29 17.18
C LYS A 621 0.60 20.77 16.14
N ALA A 622 1.41 19.78 16.53
CA ALA A 622 2.45 19.14 15.69
C ALA A 622 1.83 18.73 14.34
N ASN A 623 2.56 18.92 13.25
CA ASN A 623 2.17 18.50 11.87
C ASN A 623 2.42 17.01 11.73
N TYR A 624 1.63 16.39 10.87
CA TYR A 624 1.74 14.98 10.49
C TYR A 624 1.21 14.82 9.06
N GLY A 625 1.73 13.76 8.45
CA GLY A 625 1.42 13.41 7.05
C GLY A 625 1.60 11.93 6.85
N ALA A 626 1.30 11.49 5.64
CA ALA A 626 1.59 10.10 5.24
C ALA A 626 2.12 10.10 3.80
N VAL A 627 2.74 8.99 3.43
CA VAL A 627 3.25 8.78 2.06
C VAL A 627 2.90 7.35 1.68
N VAL A 628 2.88 7.12 0.39
CA VAL A 628 2.57 5.78 -0.18
C VAL A 628 3.22 5.73 -1.56
N LEU A 629 3.72 4.58 -1.92
CA LEU A 629 4.32 4.39 -3.26
C LEU A 629 3.23 3.92 -4.21
N THR A 630 3.21 4.49 -5.40
CA THR A 630 2.38 4.08 -6.55
C THR A 630 3.34 3.93 -7.73
N ARG A 631 2.87 3.40 -8.86
CA ARG A 631 3.76 3.16 -10.01
C ARG A 631 4.23 4.52 -10.55
N GLY A 632 5.55 4.76 -10.45
CA GLY A 632 6.25 5.91 -11.04
C GLY A 632 6.34 7.08 -10.08
N GLY A 633 6.00 6.94 -8.81
CA GLY A 633 6.08 8.12 -7.94
C GLY A 633 5.60 7.89 -6.53
N VAL A 634 5.91 8.84 -5.64
CA VAL A 634 5.43 8.82 -4.22
C VAL A 634 4.25 9.79 -4.09
N VAL A 635 3.18 9.38 -3.38
CA VAL A 635 2.13 10.38 -3.01
C VAL A 635 2.30 10.74 -1.53
N ARG A 636 2.25 12.06 -1.32
CA ARG A 636 2.16 12.76 -0.02
C ARG A 636 0.68 13.04 0.27
N LEU A 637 0.19 12.64 1.45
CA LEU A 637 -1.12 13.03 2.00
C LEU A 637 -0.86 14.08 3.06
N ASN A 638 -1.61 15.18 3.02
CA ASN A 638 -1.45 16.31 3.97
C ASN A 638 -2.73 16.46 4.79
N PHE A 639 -2.55 16.54 6.10
CA PHE A 639 -3.61 16.70 7.12
C PHE A 639 -3.47 18.08 7.77
N ASN A 640 -4.55 18.58 8.39
CA ASN A 640 -4.57 19.78 9.25
C ASN A 640 -4.74 19.28 10.68
N PRO A 641 -3.71 19.36 11.56
CA PRO A 641 -3.82 18.74 12.88
C PRO A 641 -4.68 19.57 13.86
N GLY A 642 -5.08 20.77 13.47
CA GLY A 642 -6.06 21.54 14.25
C GLY A 642 -7.30 20.72 14.60
N ASN A 643 -7.90 20.06 13.59
CA ASN A 643 -9.17 19.30 13.69
C ASN A 643 -9.04 17.92 12.97
N ASP A 644 -7.83 17.44 12.71
CA ASP A 644 -7.61 16.08 12.13
C ASP A 644 -8.50 15.93 10.89
N SER A 645 -8.35 16.88 9.98
CA SER A 645 -9.04 16.98 8.66
C SER A 645 -8.02 16.79 7.53
N LEU A 646 -8.48 16.52 6.32
CA LEU A 646 -7.66 16.73 5.10
C LEU A 646 -7.29 18.21 5.07
N LEU A 647 -6.03 18.50 4.77
CA LEU A 647 -5.61 19.85 4.33
C LEU A 647 -6.47 20.25 3.14
N SER A 648 -6.98 21.48 3.16
CA SER A 648 -7.69 22.10 2.02
C SER A 648 -7.34 23.58 1.98
N THR A 649 -7.70 24.20 0.87
CA THR A 649 -7.60 25.65 0.61
C THR A 649 -8.96 26.10 0.04
N THR A 650 -9.24 27.41 0.03
CA THR A 650 -10.57 28.01 -0.24
C THR A 650 -10.92 27.91 -1.73
N ASP A 651 -9.91 28.00 -2.59
CA ASP A 651 -10.04 28.05 -4.07
C ASP A 651 -10.30 26.63 -4.58
N ASN A 652 -11.33 26.47 -5.40
CA ASN A 652 -11.73 25.17 -6.01
C ASN A 652 -11.05 25.00 -7.37
N ASN A 653 -10.45 26.07 -7.92
CA ASN A 653 -9.62 26.03 -9.15
C ASN A 653 -8.39 25.14 -8.87
N ILE A 654 -7.74 25.31 -7.72
CA ILE A 654 -6.56 24.46 -7.37
C ILE A 654 -7.06 23.20 -6.66
N ALA A 655 -6.31 22.12 -6.82
CA ALA A 655 -6.77 20.72 -6.64
C ALA A 655 -6.64 20.32 -5.17
N PRO A 656 -7.52 19.45 -4.65
CA PRO A 656 -7.49 19.12 -3.23
C PRO A 656 -6.03 18.97 -2.77
N ILE A 657 -5.65 19.88 -1.88
CA ILE A 657 -4.26 20.20 -1.44
C ILE A 657 -3.84 19.16 -0.39
N SER A 658 -4.73 18.22 -0.11
CA SER A 658 -4.44 17.04 0.73
C SER A 658 -3.58 16.03 -0.03
N PHE A 659 -3.42 16.14 -1.37
CA PHE A 659 -2.70 15.17 -2.23
C PHE A 659 -1.61 15.87 -3.05
N SER A 660 -0.39 15.31 -3.02
CA SER A 660 0.73 15.60 -3.95
C SER A 660 1.42 14.31 -4.44
N PHE A 661 1.73 14.30 -5.74
CA PHE A 661 2.37 13.21 -6.48
C PHE A 661 3.72 13.73 -6.96
N THR A 662 4.82 13.07 -6.62
CA THR A 662 6.16 13.43 -7.13
C THR A 662 6.67 12.20 -7.89
N PRO A 663 6.93 12.30 -9.22
CA PRO A 663 7.40 11.15 -9.97
C PRO A 663 8.84 10.76 -9.59
N PHE A 664 9.08 9.46 -9.64
CA PHE A 664 10.40 8.80 -9.50
C PHE A 664 11.33 9.18 -10.64
N THR A 665 12.62 9.04 -10.40
CA THR A 665 13.65 8.95 -11.47
C THR A 665 13.90 7.46 -11.77
N ALA A 666 14.72 7.17 -12.77
CA ALA A 666 15.13 5.83 -13.21
C ALA A 666 15.46 4.93 -12.02
N ALA A 667 16.21 5.42 -11.04
CA ALA A 667 16.68 4.55 -9.95
C ALA A 667 15.50 4.08 -9.09
N GLU A 668 14.53 4.96 -8.83
CA GLU A 668 13.35 4.55 -8.00
C GLU A 668 12.48 3.62 -8.86
N SER A 669 12.37 3.87 -10.16
CA SER A 669 11.50 3.10 -11.09
C SER A 669 12.06 1.71 -11.34
N ALA A 670 13.36 1.51 -11.17
CA ALA A 670 14.01 0.19 -11.31
C ALA A 670 13.62 -0.71 -10.12
N VAL A 671 13.03 -0.19 -9.06
CA VAL A 671 12.73 -1.04 -7.87
C VAL A 671 11.50 -1.89 -8.16
N ASP A 672 11.58 -3.19 -7.90
CA ASP A 672 10.46 -4.12 -8.10
C ASP A 672 9.47 -3.90 -6.95
N LEU A 673 8.38 -3.16 -7.20
CA LEU A 673 7.38 -2.78 -6.17
C LEU A 673 6.68 -4.03 -5.62
N THR A 674 6.68 -5.17 -6.31
CA THR A 674 6.04 -6.38 -5.78
C THR A 674 6.91 -7.02 -4.70
N THR A 675 8.15 -6.54 -4.48
CA THR A 675 9.05 -7.06 -3.41
C THR A 675 8.96 -6.19 -2.15
N PHE A 676 8.06 -5.19 -2.12
CA PHE A 676 7.84 -4.40 -0.89
C PHE A 676 7.82 -5.34 0.31
N LYS A 677 8.64 -5.06 1.30
CA LYS A 677 8.66 -5.87 2.54
C LYS A 677 8.15 -5.06 3.72
N GLU A 678 8.53 -3.80 3.88
CA GLU A 678 8.08 -3.07 5.09
C GLU A 678 8.47 -1.61 4.91
N VAL A 679 7.82 -0.75 5.68
CA VAL A 679 8.09 0.71 5.72
C VAL A 679 8.13 1.11 7.18
N THR A 680 9.16 1.83 7.57
CA THR A 680 9.31 2.41 8.92
C THR A 680 9.35 3.92 8.75
N TYR A 681 9.07 4.61 9.84
CA TYR A 681 9.24 6.06 9.92
C TYR A 681 10.05 6.36 11.17
N ASN A 682 10.91 7.36 11.10
CA ASN A 682 11.77 7.79 12.22
C ASN A 682 11.38 9.23 12.52
N GLN A 683 10.84 9.49 13.72
CA GLN A 683 10.36 10.85 14.08
C GLN A 683 11.53 11.82 14.23
N GLU A 684 12.72 11.37 14.63
CA GLU A 684 13.87 12.31 14.78
C GLU A 684 14.30 12.85 13.40
N SER A 685 14.46 11.96 12.40
CA SER A 685 14.88 12.36 11.02
C SER A 685 13.70 12.93 10.21
N GLY A 686 12.46 12.53 10.51
CA GLY A 686 11.27 12.89 9.72
C GLY A 686 11.28 12.22 8.36
N LEU A 687 11.90 11.04 8.29
CA LEU A 687 12.14 10.29 7.04
C LEU A 687 11.46 8.92 7.10
N TRP A 688 10.87 8.50 5.99
CA TRP A 688 10.32 7.14 5.76
C TRP A 688 11.38 6.25 5.06
N SER A 689 11.47 5.00 5.45
CA SER A 689 12.39 4.02 4.85
C SER A 689 11.53 2.88 4.30
N TYR A 690 11.47 2.72 2.98
CA TYR A 690 10.74 1.61 2.33
C TYR A 690 11.77 0.53 2.05
N ILE A 691 11.63 -0.65 2.67
CA ILE A 691 12.48 -1.83 2.42
C ILE A 691 11.88 -2.72 1.33
N PHE A 692 12.68 -3.13 0.34
CA PHE A 692 12.34 -4.13 -0.68
C PHE A 692 13.32 -5.30 -0.58
N ASP A 693 12.79 -6.51 -0.67
CA ASP A 693 13.53 -7.76 -0.39
C ASP A 693 13.27 -8.70 -1.56
N SER A 694 14.29 -9.03 -2.36
CA SER A 694 14.05 -9.80 -3.60
C SER A 694 13.75 -11.26 -3.30
N SER A 695 13.99 -11.73 -2.07
CA SER A 695 13.60 -13.10 -1.68
C SER A 695 12.06 -13.22 -1.77
N LEU A 696 11.32 -12.12 -1.86
CA LEU A 696 9.84 -12.20 -1.95
C LEU A 696 9.39 -12.52 -3.38
N LYS A 697 10.30 -12.56 -4.36
CA LYS A 697 9.95 -12.89 -5.76
C LYS A 697 9.50 -14.34 -5.79
N PRO A 698 8.56 -14.68 -6.69
CA PRO A 698 8.17 -16.07 -6.94
C PRO A 698 9.32 -16.96 -7.44
N SER A 699 9.16 -18.28 -7.30
CA SER A 699 10.21 -19.28 -7.67
C SER A 699 10.35 -19.35 -9.18
N HIS A 700 9.23 -19.14 -9.91
CA HIS A 700 9.11 -19.34 -11.36
C HIS A 700 8.21 -18.27 -12.01
N ASP A 701 8.57 -17.94 -13.25
CA ASP A 701 7.93 -17.13 -14.30
C ASP A 701 6.53 -17.65 -14.63
N GLY A 702 5.86 -16.90 -15.50
CA GLY A 702 4.67 -17.34 -16.23
C GLY A 702 4.99 -18.35 -17.32
N LYS A 703 6.26 -18.47 -17.72
CA LYS A 703 6.75 -19.53 -18.62
C LYS A 703 7.38 -20.67 -17.80
N GLN A 704 7.17 -20.67 -16.47
CA GLN A 704 7.63 -21.79 -15.59
C GLN A 704 9.15 -21.89 -15.58
N THR A 705 9.87 -20.80 -15.84
CA THR A 705 11.36 -20.70 -15.76
C THR A 705 11.74 -20.23 -14.38
N PRO A 706 12.68 -20.93 -13.69
CA PRO A 706 13.21 -20.49 -12.41
C PRO A 706 13.63 -19.01 -12.51
N VAL A 707 13.22 -18.23 -11.51
CA VAL A 707 13.60 -16.81 -11.34
C VAL A 707 14.94 -16.84 -10.61
N THR A 708 15.97 -16.19 -11.16
CA THR A 708 17.36 -16.21 -10.58
C THR A 708 17.75 -14.86 -9.97
N ASP A 709 16.99 -13.76 -10.14
CA ASP A 709 17.35 -12.43 -9.57
C ASP A 709 16.63 -12.21 -8.23
N ASN A 710 16.48 -13.27 -7.43
CA ASN A 710 15.80 -13.23 -6.10
C ASN A 710 16.79 -12.99 -4.96
N MET A 711 17.99 -12.52 -5.24
CA MET A 711 19.00 -12.27 -4.19
C MET A 711 19.07 -10.75 -4.03
N GLY A 712 19.02 -10.23 -2.82
CA GLY A 712 19.33 -8.81 -2.61
C GLY A 712 18.16 -8.06 -2.05
N PHE A 713 18.20 -6.75 -2.13
CA PHE A 713 17.26 -5.86 -1.41
C PHE A 713 17.57 -4.45 -1.83
N SER A 714 16.73 -3.55 -1.39
CA SER A 714 16.80 -2.15 -1.81
C SER A 714 16.04 -1.31 -0.79
N VAL A 715 16.53 -0.11 -0.49
CA VAL A 715 15.87 0.87 0.40
C VAL A 715 15.55 2.12 -0.39
N ILE A 716 14.30 2.57 -0.30
CA ILE A 716 13.92 3.89 -0.82
C ILE A 716 13.64 4.76 0.41
N THR A 717 14.13 5.98 0.38
CA THR A 717 14.01 6.95 1.48
C THR A 717 13.10 8.04 1.00
N VAL A 718 12.09 8.36 1.83
CA VAL A 718 11.11 9.44 1.44
C VAL A 718 11.24 10.58 2.47
N SER A 719 11.32 11.79 1.95
CA SER A 719 11.37 13.03 2.74
C SER A 719 10.25 13.97 2.25
N ARG A 720 9.85 14.89 3.13
CA ARG A 720 8.87 15.97 2.85
C ARG A 720 9.53 17.08 2.06
N THR A 721 8.75 17.79 1.24
CA THR A 721 9.19 18.98 0.49
C THR A 721 8.07 20.00 0.46
N GLY A 722 8.44 21.25 0.22
CA GLY A 722 7.52 22.41 0.09
C GLY A 722 7.38 23.16 1.41
N ILE A 723 6.58 24.22 1.41
CA ILE A 723 6.25 25.03 2.63
C ILE A 723 5.12 24.29 3.35
N GLU A 724 5.41 23.84 4.57
CA GLU A 724 4.53 23.07 5.49
C GLU A 724 3.63 24.04 6.27
N LEU A 725 2.53 23.52 6.83
CA LEU A 725 1.46 24.35 7.46
C LEU A 725 1.98 24.83 8.81
N ASN A 726 1.62 26.07 9.16
CA ASN A 726 1.77 26.66 10.51
C ASN A 726 3.25 26.94 10.81
N GLN A 727 4.02 27.46 9.84
CA GLN A 727 5.45 27.81 10.11
C GLN A 727 5.43 29.18 10.77
N ASP A 728 4.62 30.11 10.24
CA ASP A 728 4.47 31.50 10.73
C ASP A 728 3.16 32.10 10.21
N GLN A 729 2.76 33.26 10.72
CA GLN A 729 1.41 33.82 10.41
C GLN A 729 1.09 33.52 8.93
N ALA A 730 2.08 33.59 8.04
CA ALA A 730 1.92 33.49 6.57
C ALA A 730 1.28 32.15 6.16
N THR A 731 1.65 31.06 6.84
CA THR A 731 1.41 29.65 6.44
C THR A 731 0.36 29.00 7.35
N THR A 732 -0.48 29.80 8.00
CA THR A 732 -1.68 29.40 8.77
C THR A 732 -2.71 28.80 7.81
N THR A 733 -2.76 29.36 6.58
CA THR A 733 -3.39 28.78 5.37
C THR A 733 -2.32 28.62 4.28
N LEU A 734 -2.60 27.75 3.31
CA LEU A 734 -1.69 27.37 2.19
C LEU A 734 -2.55 27.22 0.92
N ASP A 735 -2.03 27.56 -0.26
CA ASP A 735 -2.71 27.29 -1.56
C ASP A 735 -1.82 26.41 -2.45
N VAL A 736 -0.73 25.85 -1.91
CA VAL A 736 0.16 24.85 -2.58
C VAL A 736 0.36 23.63 -1.65
N ALA A 737 0.04 22.44 -2.15
CA ALA A 737 0.14 21.16 -1.41
C ALA A 737 1.59 20.82 -1.07
N PRO A 738 1.94 20.61 0.22
CA PRO A 738 3.19 19.96 0.57
C PRO A 738 3.28 18.66 -0.21
N SER A 739 4.50 18.20 -0.53
CA SER A 739 4.73 16.95 -1.31
C SER A 739 5.89 16.17 -0.68
N ALA A 740 6.38 15.15 -1.35
CA ALA A 740 7.37 14.19 -0.82
C ALA A 740 8.33 13.90 -1.96
N LEU A 741 9.52 13.41 -1.62
CA LEU A 741 10.55 12.98 -2.61
C LEU A 741 11.06 11.61 -2.21
N ALA A 742 10.96 10.65 -3.13
CA ALA A 742 11.45 9.27 -2.99
C ALA A 742 12.80 9.16 -3.68
N VAL A 743 13.79 8.61 -2.98
CA VAL A 743 15.20 8.61 -3.44
C VAL A 743 15.71 7.20 -3.18
N GLN A 744 16.12 6.47 -4.23
CA GLN A 744 16.82 5.16 -4.03
C GLN A 744 18.14 5.54 -3.34
N SER A 745 18.19 5.31 -2.06
CA SER A 745 19.16 5.80 -1.05
C SER A 745 20.63 5.39 -1.32
N GLY A 746 20.96 4.43 -2.21
CA GLY A 746 22.26 3.75 -2.34
C GLY A 746 22.40 2.45 -1.50
N ILE A 747 21.51 2.16 -0.56
CA ILE A 747 21.54 0.91 0.27
C ILE A 747 20.84 -0.17 -0.56
N GLN A 748 21.59 -1.06 -1.21
CA GLN A 748 21.02 -2.10 -2.05
C GLN A 748 22.06 -3.19 -2.25
N SER A 749 21.60 -4.31 -2.77
CA SER A 749 22.43 -5.48 -3.05
C SER A 749 21.70 -6.32 -4.09
N THR A 750 22.44 -7.06 -4.89
CA THR A 750 21.95 -8.15 -5.76
C THR A 750 22.54 -9.49 -5.31
N THR A 751 23.20 -9.57 -4.16
CA THR A 751 24.00 -10.76 -3.73
C THR A 751 23.61 -11.25 -2.33
N GLN A 752 23.14 -10.38 -1.44
CA GLN A 752 22.96 -10.73 -0.01
C GLN A 752 21.48 -11.09 0.25
N THR A 753 21.23 -12.00 1.19
CA THR A 753 19.89 -12.26 1.76
C THR A 753 19.70 -11.31 2.93
N LEU A 754 18.69 -10.45 2.89
CA LEU A 754 18.44 -9.48 3.96
C LEU A 754 17.85 -10.16 5.20
N THR A 755 18.28 -9.73 6.36
CA THR A 755 17.66 -9.99 7.67
C THR A 755 17.00 -8.70 8.12
N GLY A 756 17.65 -7.54 7.98
CA GLY A 756 17.05 -6.30 8.51
C GLY A 756 17.80 -5.06 8.15
N VAL A 757 17.13 -3.91 8.12
CA VAL A 757 17.77 -2.58 7.97
C VAL A 757 17.40 -1.74 9.19
N LEU A 758 18.41 -1.25 9.92
CA LEU A 758 18.22 -0.40 11.12
C LEU A 758 18.62 1.01 10.73
N PRO A 759 17.63 1.92 10.60
CA PRO A 759 17.91 3.32 10.31
C PRO A 759 18.37 4.00 11.58
N LEU A 760 19.66 3.93 11.89
CA LEU A 760 20.19 4.43 13.18
C LEU A 760 20.00 5.95 13.27
N SER A 761 20.29 6.62 12.17
CA SER A 761 20.24 8.11 12.09
C SER A 761 20.15 8.50 10.62
N GLU A 762 19.96 9.78 10.39
CA GLU A 762 19.96 10.34 9.02
C GLU A 762 21.32 10.01 8.36
N GLU A 763 22.43 9.97 9.13
CA GLU A 763 23.81 9.83 8.60
C GLU A 763 24.09 8.32 8.42
N PHE A 764 23.42 7.39 9.12
CA PHE A 764 23.83 5.97 9.14
C PHE A 764 22.67 5.00 9.13
N SER A 765 22.84 3.92 8.38
CA SER A 765 22.02 2.69 8.44
C SER A 765 22.90 1.45 8.66
N ALA A 766 22.44 0.53 9.50
CA ALA A 766 23.05 -0.81 9.64
C ALA A 766 22.21 -1.82 8.87
N VAL A 767 22.83 -2.60 8.03
CA VAL A 767 22.21 -3.74 7.35
C VAL A 767 22.73 -5.02 7.98
N ILE A 768 21.83 -5.89 8.37
CA ILE A 768 22.14 -7.31 8.72
C ILE A 768 21.74 -8.15 7.54
N ALA A 769 22.66 -8.93 7.00
CA ALA A 769 22.40 -9.81 5.85
C ALA A 769 23.24 -11.07 6.01
N LYS A 770 22.99 -12.06 5.19
CA LYS A 770 23.89 -13.23 5.08
C LYS A 770 24.46 -13.25 3.66
N ASP A 771 25.75 -13.59 3.51
CA ASP A 771 26.37 -13.99 2.22
C ASP A 771 26.21 -15.51 2.15
N SER A 772 26.82 -16.24 3.09
CA SER A 772 26.61 -17.69 3.33
C SER A 772 25.34 -17.89 4.18
N ASP A 773 25.51 -18.37 5.42
CA ASP A 773 24.42 -18.78 6.35
C ASP A 773 24.52 -18.02 7.68
N GLN A 774 25.60 -17.23 7.91
CA GLN A 774 25.74 -16.35 9.12
C GLN A 774 25.37 -14.90 8.77
N ASN A 775 24.90 -14.15 9.77
CA ASN A 775 24.56 -12.70 9.71
C ASN A 775 25.84 -11.86 9.76
N LYS A 776 25.97 -10.92 8.81
CA LYS A 776 27.04 -9.89 8.63
C LYS A 776 26.43 -8.51 8.85
N ILE A 777 27.12 -7.59 9.52
CA ILE A 777 26.73 -6.17 9.72
C ILE A 777 27.52 -5.28 8.76
N ASP A 778 26.80 -4.55 7.91
CA ASP A 778 27.32 -3.48 7.03
C ASP A 778 26.80 -2.13 7.53
N ILE A 779 27.67 -1.15 7.60
CA ILE A 779 27.28 0.23 7.97
C ILE A 779 27.28 1.02 6.65
N TYR A 780 26.16 1.65 6.36
CA TYR A 780 26.04 2.55 5.20
C TYR A 780 26.02 3.98 5.71
N LYS A 781 26.83 4.79 5.08
CA LYS A 781 27.02 6.18 5.51
C LYS A 781 26.48 7.11 4.43
N ASN A 782 25.76 8.12 4.86
CA ASN A 782 25.05 9.06 3.95
C ASN A 782 26.04 10.13 3.53
N ASN A 783 26.48 10.14 2.29
CA ASN A 783 27.40 11.15 1.76
C ASN A 783 26.61 12.13 0.89
N ASN A 784 26.19 13.26 1.47
CA ASN A 784 25.49 14.36 0.74
C ASN A 784 24.25 13.80 0.05
N GLY A 785 23.44 12.98 0.73
CA GLY A 785 22.20 12.43 0.15
C GLY A 785 22.32 11.01 -0.41
N LEU A 786 23.52 10.50 -0.70
CA LEU A 786 23.72 9.12 -1.22
C LEU A 786 24.42 8.22 -0.18
N PHE A 787 23.81 7.10 0.18
CA PHE A 787 24.37 6.12 1.15
C PHE A 787 25.42 5.29 0.42
N GLU A 788 26.59 5.10 1.03
CA GLU A 788 27.70 4.28 0.50
C GLU A 788 28.16 3.36 1.64
N ILE A 789 28.54 2.15 1.31
CA ILE A 789 29.05 1.23 2.36
C ILE A 789 30.34 1.85 2.92
N ASP A 790 30.54 1.83 4.22
CA ASP A 790 31.82 2.27 4.82
C ASP A 790 32.45 0.99 5.43
N THR A 791 33.42 0.44 4.75
CA THR A 791 33.95 -0.90 5.07
C THR A 791 34.73 -0.84 6.39
N GLN A 792 35.45 0.25 6.66
CA GLN A 792 36.18 0.38 7.97
C GLN A 792 35.20 0.52 9.14
N LEU A 793 34.12 1.31 9.02
CA LEU A 793 33.16 1.41 10.12
C LEU A 793 32.47 0.05 10.30
N SER A 794 32.14 -0.62 9.19
CA SER A 794 31.45 -1.92 9.17
C SER A 794 32.26 -2.92 10.03
N ASN A 795 33.54 -3.01 9.76
CA ASN A 795 34.48 -3.91 10.44
C ASN A 795 34.54 -3.48 11.91
N SER A 796 34.61 -2.19 12.21
CA SER A 796 34.62 -1.70 13.61
C SER A 796 33.34 -2.14 14.33
N VAL A 797 32.17 -1.94 13.71
CA VAL A 797 30.88 -2.26 14.39
C VAL A 797 30.72 -3.78 14.54
N ALA A 798 31.17 -4.53 13.56
CA ALA A 798 30.99 -5.97 13.52
C ALA A 798 31.95 -6.63 14.50
N THR A 799 33.02 -5.95 14.90
CA THR A 799 33.99 -6.55 15.85
C THR A 799 33.46 -6.27 17.25
N ASN A 800 32.49 -7.09 17.67
CA ASN A 800 31.85 -6.94 19.00
C ASN A 800 32.34 -8.05 19.93
N ASN A 801 33.03 -9.05 19.36
CA ASN A 801 33.68 -10.18 20.10
C ASN A 801 32.61 -11.02 20.80
N GLY A 802 31.44 -11.17 20.19
CA GLY A 802 30.28 -11.87 20.78
C GLY A 802 29.49 -11.08 21.84
N GLY A 803 29.88 -9.84 22.21
CA GLY A 803 29.07 -8.97 23.09
C GLY A 803 28.03 -8.23 22.27
N LEU A 804 27.32 -7.32 22.90
CA LEU A 804 26.16 -6.64 22.29
C LEU A 804 26.64 -5.46 21.46
N ALA A 805 27.81 -4.92 21.78
CA ALA A 805 28.28 -3.65 21.23
C ALA A 805 29.72 -3.77 20.73
N PRO A 806 30.14 -2.86 19.84
CA PRO A 806 31.50 -2.89 19.27
C PRO A 806 32.53 -2.85 20.38
N SER A 807 33.63 -3.56 20.20
CA SER A 807 34.78 -3.49 21.12
C SER A 807 35.33 -2.07 21.18
N TYR A 808 36.08 -1.85 22.24
CA TYR A 808 36.85 -0.62 22.51
C TYR A 808 38.33 -0.96 22.56
N THR A 809 39.15 -0.33 21.73
CA THR A 809 40.62 -0.54 21.73
C THR A 809 41.27 0.81 21.94
N GLU A 810 42.22 0.91 22.86
CA GLU A 810 42.84 2.20 23.23
C GLU A 810 43.54 2.88 22.03
N ASN A 811 44.21 2.11 21.19
CA ASN A 811 45.23 2.62 20.24
C ASN A 811 44.52 2.80 18.90
N ARG A 812 43.20 2.65 18.87
CA ARG A 812 42.55 2.57 17.54
C ARG A 812 41.40 3.58 17.47
N VAL A 813 41.26 4.21 16.32
CA VAL A 813 40.02 4.95 15.99
C VAL A 813 39.02 3.87 15.60
N ASP A 814 38.15 3.46 16.51
CA ASP A 814 37.21 2.35 16.20
C ASP A 814 35.80 2.97 16.16
N ALA A 815 34.75 2.20 16.37
CA ALA A 815 33.36 2.68 16.44
C ALA A 815 33.28 3.77 17.50
N TRP A 816 34.20 3.78 18.47
CA TRP A 816 34.17 4.77 19.58
C TRP A 816 35.13 5.94 19.40
N GLY A 817 35.64 6.17 18.18
CA GLY A 817 36.63 7.22 18.00
C GLY A 817 37.92 6.76 18.67
N LYS A 818 38.75 7.68 19.12
CA LYS A 818 39.95 7.38 19.90
C LYS A 818 40.06 8.40 21.01
N VAL A 819 40.30 7.95 22.23
CA VAL A 819 40.52 8.85 23.38
C VAL A 819 41.95 8.72 23.82
N GLU A 820 42.72 9.81 23.80
CA GLU A 820 44.04 9.85 24.46
C GLU A 820 43.94 10.75 25.70
N PHE A 821 44.17 10.19 26.87
CA PHE A 821 44.17 10.95 28.13
C PHE A 821 45.48 11.71 28.26
N ALA A 822 45.42 12.93 28.81
CA ALA A 822 46.59 13.69 29.27
C ALA A 822 47.31 12.87 30.33
N ASP A 823 48.58 13.10 30.48
CA ASP A 823 49.40 12.56 31.57
C ASP A 823 49.05 13.31 32.86
N ASN A 824 49.32 12.71 34.01
CA ASN A 824 49.07 13.30 35.36
C ASN A 824 49.83 14.62 35.57
N SER A 825 50.94 14.80 34.86
CA SER A 825 51.87 15.97 34.97
C SER A 825 51.18 17.24 34.42
N VAL A 826 49.97 17.12 33.89
CA VAL A 826 49.22 18.28 33.34
C VAL A 826 48.60 19.06 34.51
N LEU A 827 48.31 18.38 35.63
CA LEU A 827 47.82 19.06 36.87
C LEU A 827 48.82 20.14 37.30
N GLN A 828 50.10 19.78 37.49
CA GLN A 828 51.17 20.68 38.04
C GLN A 828 51.49 21.80 37.06
N ALA A 829 51.70 21.46 35.79
CA ALA A 829 52.00 22.38 34.67
C ALA A 829 50.90 23.45 34.52
N ARG A 830 49.63 23.11 34.79
CA ARG A 830 48.45 24.01 34.60
C ARG A 830 47.96 24.67 35.91
N ASN A 831 48.61 24.33 37.04
CA ASN A 831 48.41 24.86 38.43
C ASN A 831 46.98 24.56 38.93
N LEU A 832 46.39 23.52 38.35
CA LEU A 832 45.13 22.84 38.75
C LEU A 832 45.27 22.11 40.11
N VAL A 833 46.48 21.78 40.56
CA VAL A 833 46.75 21.16 41.91
C VAL A 833 46.14 22.06 43.00
N ASP A 834 46.11 23.38 42.78
CA ASP A 834 45.58 24.40 43.72
C ASP A 834 44.04 24.39 43.70
N LYS A 835 43.42 23.66 42.78
CA LYS A 835 41.96 23.32 42.76
C LYS A 835 41.70 22.03 43.55
N THR A 836 40.52 21.89 44.15
CA THR A 836 40.07 20.64 44.81
C THR A 836 39.43 19.72 43.78
N VAL A 837 39.34 18.44 44.10
CA VAL A 837 38.53 17.44 43.34
C VAL A 837 37.11 17.97 43.07
N ASP A 838 36.48 18.61 44.06
CA ASP A 838 35.04 18.99 43.98
C ASP A 838 34.89 20.14 42.98
N GLU A 839 35.75 21.13 43.09
CA GLU A 839 35.93 22.20 42.08
C GLU A 839 36.04 21.58 40.68
N ILE A 840 37.09 20.77 40.44
CA ILE A 840 37.38 20.17 39.11
C ILE A 840 36.13 19.45 38.63
N ILE A 841 35.50 18.70 39.52
CA ILE A 841 34.36 17.83 39.15
C ILE A 841 33.15 18.71 38.75
N ASN A 842 33.07 19.94 39.27
CA ASN A 842 31.96 20.88 38.93
C ASN A 842 32.47 21.93 37.94
N THR A 843 33.28 21.51 36.96
CA THR A 843 33.84 22.39 35.91
C THR A 843 34.08 21.54 34.67
N PRO A 844 33.01 21.13 33.96
CA PRO A 844 33.14 20.16 32.88
C PRO A 844 34.20 20.61 31.87
N GLU A 845 34.42 21.90 31.68
CA GLU A 845 35.37 22.39 30.65
C GLU A 845 36.83 22.18 31.09
N ILE A 846 37.14 22.18 32.39
CA ILE A 846 38.50 21.74 32.85
C ILE A 846 38.66 20.29 32.38
N LEU A 847 37.65 19.46 32.59
CA LEU A 847 37.92 18.01 32.47
C LEU A 847 37.79 17.56 31.02
N ASN A 848 37.26 18.39 30.13
CA ASN A 848 37.39 18.19 28.65
C ASN A 848 38.87 18.37 28.24
N SER A 849 39.68 19.09 29.01
CA SER A 849 41.14 19.29 28.78
C SER A 849 42.01 18.09 29.28
N PHE A 850 41.43 17.04 29.83
CA PHE A 850 42.15 15.83 30.31
C PHE A 850 42.15 14.78 29.19
N PHE A 851 41.58 15.05 28.02
CA PHE A 851 41.71 14.14 26.88
C PHE A 851 41.70 14.89 25.55
N ARG A 852 42.19 14.20 24.52
CA ARG A 852 42.05 14.51 23.09
C ARG A 852 41.22 13.38 22.48
N PHE A 853 40.18 13.74 21.76
CA PHE A 853 39.27 12.81 21.07
C PHE A 853 39.55 12.89 19.58
N THR A 854 39.65 11.76 18.90
CA THR A 854 39.62 11.72 17.42
C THR A 854 38.32 11.05 17.04
N PRO A 855 37.42 11.75 16.31
CA PRO A 855 36.19 11.11 15.90
C PRO A 855 36.39 10.12 14.75
N ALA A 856 35.62 9.03 14.76
CA ALA A 856 35.47 8.05 13.66
C ALA A 856 34.63 8.58 12.51
N PHE A 857 33.70 9.49 12.79
CA PHE A 857 32.88 10.18 11.78
C PHE A 857 32.68 11.61 12.24
N GLU A 858 32.46 12.48 11.28
CA GLU A 858 32.40 13.93 11.51
C GLU A 858 31.37 14.22 12.61
N ASP A 859 31.73 15.07 13.56
CA ASP A 859 30.77 15.55 14.59
C ASP A 859 30.38 14.40 15.56
N GLN A 860 30.99 13.22 15.53
CA GLN A 860 30.91 12.27 16.68
C GLN A 860 31.42 12.98 17.93
N LYS A 861 30.70 12.94 19.06
CA LYS A 861 31.09 13.72 20.26
C LYS A 861 31.45 12.77 21.41
N ALA A 862 32.18 13.32 22.38
CA ALA A 862 32.68 12.58 23.54
C ALA A 862 32.85 13.57 24.69
N THR A 863 32.43 13.18 25.88
CA THR A 863 32.80 13.94 27.11
C THR A 863 33.36 12.93 28.12
N LEU A 864 34.00 13.42 29.19
CA LEU A 864 34.46 12.60 30.33
C LEU A 864 33.45 12.75 31.47
N VAL A 865 33.02 11.63 32.06
CA VAL A 865 32.26 11.57 33.34
C VAL A 865 33.31 11.40 34.46
N ALA A 866 33.31 12.29 35.46
CA ALA A 866 34.22 12.24 36.61
C ALA A 866 33.57 11.63 37.86
N THR A 867 34.39 10.97 38.67
CA THR A 867 34.05 10.28 39.93
C THR A 867 35.15 10.60 40.94
N LYS A 868 34.76 11.10 42.09
CA LYS A 868 35.70 11.32 43.21
C LYS A 868 36.17 9.93 43.70
N GLN A 869 37.48 9.76 43.89
CA GLN A 869 38.06 8.47 44.32
C GLN A 869 38.67 8.64 45.70
N SER A 870 39.17 9.83 46.02
CA SER A 870 39.66 10.17 47.38
C SER A 870 39.62 11.71 47.51
N ASP A 871 40.10 12.25 48.61
CA ASP A 871 40.25 13.71 48.86
C ASP A 871 41.15 14.38 47.81
N THR A 872 41.89 13.60 47.02
CA THR A 872 43.10 14.12 46.35
C THR A 872 43.09 13.64 44.89
N SER A 873 42.12 12.84 44.50
CA SER A 873 42.14 12.20 43.18
C SER A 873 40.72 11.98 42.66
N LEU A 874 40.63 11.78 41.36
CA LEU A 874 39.36 11.42 40.71
C LEU A 874 39.67 10.50 39.53
N SER A 875 38.66 9.80 39.01
CA SER A 875 38.78 9.08 37.74
C SER A 875 37.80 9.67 36.74
N VAL A 876 38.14 9.50 35.47
CA VAL A 876 37.28 9.93 34.34
C VAL A 876 37.18 8.74 33.41
N SER A 877 36.06 8.67 32.74
CA SER A 877 35.66 7.59 31.83
C SER A 877 34.88 8.29 30.72
N PRO A 878 35.08 7.96 29.45
CA PRO A 878 34.39 8.69 28.41
C PRO A 878 32.94 8.26 28.21
N ARG A 879 32.17 9.23 27.71
CA ARG A 879 30.78 9.08 27.22
C ARG A 879 30.79 9.50 25.75
N ILE A 880 30.46 8.58 24.85
CA ILE A 880 30.82 8.71 23.42
C ILE A 880 29.56 8.44 22.58
N GLN A 881 29.31 9.27 21.56
CA GLN A 881 28.17 9.05 20.64
C GLN A 881 28.48 7.88 19.72
N PHE A 882 27.49 6.99 19.56
CA PHE A 882 27.48 5.99 18.48
C PHE A 882 26.85 6.63 17.24
N LEU A 883 26.60 5.81 16.23
CA LEU A 883 26.08 6.15 14.90
C LEU A 883 24.61 6.60 14.99
N ASP A 884 23.92 6.21 16.03
CA ASP A 884 22.49 6.51 16.26
C ASP A 884 22.38 7.90 16.87
N GLY A 885 23.49 8.56 17.20
CA GLY A 885 23.44 9.89 17.84
C GLY A 885 23.21 9.83 19.34
N ASN A 886 23.14 8.63 19.92
CA ASN A 886 23.02 8.46 21.40
C ASN A 886 24.42 8.35 21.98
N PHE A 887 24.59 8.90 23.17
CA PHE A 887 25.80 8.73 24.00
C PHE A 887 25.77 7.38 24.73
N TYR A 888 26.92 6.68 24.79
CA TYR A 888 27.07 5.43 25.58
C TYR A 888 28.20 5.61 26.62
N ASP A 889 28.08 4.96 27.79
CA ASP A 889 29.10 5.03 28.86
C ASP A 889 29.12 3.68 29.57
N LEU A 890 29.89 3.54 30.65
CA LEU A 890 30.04 2.24 31.40
C LEU A 890 28.68 1.72 31.86
N ASN A 891 27.71 2.60 32.15
CA ASN A 891 26.43 2.19 32.77
C ASN A 891 25.34 1.97 31.72
N SER A 892 25.64 2.08 30.45
CA SER A 892 24.58 2.00 29.40
C SER A 892 23.92 0.63 29.34
N THR A 893 22.62 0.60 29.04
CA THR A 893 21.78 -0.61 28.88
C THR A 893 20.96 -0.48 27.59
N ILE A 894 20.58 -1.59 26.99
CA ILE A 894 19.51 -1.71 25.95
C ILE A 894 18.56 -2.78 26.51
N ALA A 895 17.26 -2.44 26.62
CA ALA A 895 16.28 -3.37 27.17
C ALA A 895 16.71 -3.73 28.58
N GLY A 896 17.30 -2.79 29.30
CA GLY A 896 17.69 -3.00 30.71
C GLY A 896 18.97 -3.83 30.86
N VAL A 897 19.51 -4.39 29.78
CA VAL A 897 20.76 -5.22 29.80
C VAL A 897 21.99 -4.34 29.72
N PRO A 898 22.89 -4.44 30.70
CA PRO A 898 24.15 -3.72 30.63
C PRO A 898 24.95 -4.08 29.37
N LEU A 899 25.45 -3.09 28.64
CA LEU A 899 26.22 -3.32 27.39
C LEU A 899 27.67 -3.71 27.74
N ASN A 900 28.23 -3.19 28.83
CA ASN A 900 29.61 -3.52 29.27
C ASN A 900 30.54 -3.34 28.06
N ILE A 901 30.48 -2.16 27.46
CA ILE A 901 31.23 -1.82 26.23
C ILE A 901 32.75 -1.89 26.47
N GLY A 902 33.25 -1.37 27.58
CA GLY A 902 34.73 -1.48 27.80
C GLY A 902 35.43 -0.13 27.72
N PHE A 903 34.68 0.97 27.92
CA PHE A 903 35.22 2.34 28.05
C PHE A 903 36.24 2.33 29.19
N PRO A 904 37.37 3.03 29.04
CA PRO A 904 38.42 3.01 30.07
C PRO A 904 38.09 3.99 31.21
N SER A 905 38.82 3.88 32.32
CA SER A 905 38.85 4.94 33.35
C SER A 905 40.29 5.30 33.63
N ARG A 906 40.48 6.53 33.99
CA ARG A 906 41.78 7.13 34.14
C ARG A 906 41.74 7.89 35.45
N VAL A 907 42.69 7.60 36.33
CA VAL A 907 42.89 8.40 37.58
C VAL A 907 43.82 9.58 37.33
N PHE A 908 43.44 10.73 37.89
CA PHE A 908 44.26 11.94 38.04
C PHE A 908 44.40 12.23 39.53
N ALA A 909 45.59 12.50 40.01
CA ALA A 909 45.79 12.67 41.46
C ALA A 909 46.72 13.83 41.71
N GLY A 910 46.71 14.36 42.92
CA GLY A 910 47.50 15.53 43.33
C GLY A 910 46.66 16.81 43.50
N PHE A 911 45.34 16.75 43.36
CA PHE A 911 44.47 17.91 43.69
C PHE A 911 44.55 18.24 45.18
N ALA A 912 44.17 19.45 45.61
CA ALA A 912 44.16 19.86 47.04
C ALA A 912 42.87 19.39 47.74
N ALA A 913 42.88 19.28 49.08
CA ALA A 913 41.66 19.33 49.94
C ALA A 913 41.69 20.69 50.64
N LEU A 914 41.03 21.68 50.03
CA LEU A 914 41.64 22.98 49.61
C LEU A 914 43.08 23.08 50.13
#